data_2NA9
#
_entry.id   2NA9
#
_entity_poly.entity_id   1
_entity_poly.type   'polypeptide(L)'
_entity_poly.pdbx_seq_one_letter_code
;GKRSWDTESVLAMWVLALIVIFLTIAVLLALRFCGIYGYRLRRK
;
_entity_poly.pdbx_strand_id   A
#
# COMPACT_ATOMS: atom_id res chain seq x y z
N GLY A 1 8.76 0.27 -32.90
CA GLY A 1 7.49 -0.29 -33.49
C GLY A 1 6.36 0.71 -33.29
N LYS A 2 6.53 1.66 -32.38
CA LYS A 2 5.51 2.66 -32.13
C LYS A 2 4.14 1.99 -31.99
N ARG A 3 4.12 0.72 -31.60
CA ARG A 3 2.85 0.03 -31.45
C ARG A 3 1.93 0.88 -30.57
N SER A 4 2.31 1.03 -29.31
CA SER A 4 1.52 1.82 -28.36
C SER A 4 2.18 1.87 -27.01
N TRP A 5 2.77 0.75 -26.63
CA TRP A 5 3.34 0.60 -25.33
C TRP A 5 4.32 1.66 -24.92
N ASP A 6 3.72 2.70 -24.38
CA ASP A 6 4.43 3.79 -23.79
C ASP A 6 4.84 3.26 -22.43
N THR A 7 6.05 2.71 -22.35
CA THR A 7 6.48 2.11 -21.09
C THR A 7 6.11 3.03 -19.94
N GLU A 8 5.84 4.30 -20.25
CA GLU A 8 5.41 5.22 -19.22
C GLU A 8 4.24 4.63 -18.43
N SER A 9 3.31 4.02 -19.19
CA SER A 9 2.13 3.39 -18.62
C SER A 9 2.50 2.16 -17.80
N VAL A 10 3.41 1.35 -18.35
CA VAL A 10 3.87 0.17 -17.65
C VAL A 10 4.66 0.63 -16.44
N LEU A 11 5.49 1.65 -16.62
CA LEU A 11 6.28 2.21 -15.54
C LEU A 11 5.34 2.71 -14.43
N ALA A 12 4.34 3.44 -14.90
CA ALA A 12 3.34 4.03 -14.01
C ALA A 12 2.60 2.99 -13.17
N MET A 13 2.29 1.84 -13.76
CA MET A 13 1.54 0.79 -13.05
C MET A 13 2.35 0.22 -11.87
N TRP A 14 3.64 -0.02 -12.00
CA TRP A 14 4.38 -0.58 -10.85
C TRP A 14 4.48 0.48 -9.75
N VAL A 15 4.50 1.77 -10.04
CA VAL A 15 4.54 2.77 -8.97
C VAL A 15 3.25 2.66 -8.16
N LEU A 16 2.11 2.59 -8.82
CA LEU A 16 0.83 2.48 -8.11
C LEU A 16 0.78 1.18 -7.29
N ALA A 17 1.25 0.07 -7.85
CA ALA A 17 1.21 -1.19 -7.11
C ALA A 17 2.08 -1.10 -5.84
N LEU A 18 3.25 -0.49 -5.94
CA LEU A 18 4.12 -0.33 -4.78
C LEU A 18 3.49 0.62 -3.75
N ILE A 19 2.80 1.67 -4.17
CA ILE A 19 2.20 2.57 -3.18
C ILE A 19 1.20 1.80 -2.31
N VAL A 20 0.42 0.97 -2.99
CA VAL A 20 -0.58 0.14 -2.33
C VAL A 20 0.08 -0.85 -1.37
N ILE A 21 1.18 -1.47 -1.76
CA ILE A 21 1.84 -2.43 -0.89
C ILE A 21 2.35 -1.79 0.40
N PHE A 22 2.95 -0.61 0.29
CA PHE A 22 3.48 0.07 1.48
C PHE A 22 2.37 0.38 2.50
N LEU A 23 1.27 0.96 2.03
CA LEU A 23 0.16 1.29 2.93
C LEU A 23 -0.49 0.05 3.53
N THR A 24 -0.58 -0.93 2.65
CA THR A 24 -1.15 -2.21 3.10
C THR A 24 -0.33 -2.76 4.25
N ILE A 25 0.98 -2.77 4.05
CA ILE A 25 1.89 -3.27 5.09
C ILE A 25 1.90 -2.34 6.30
N ALA A 26 1.91 -1.03 6.03
CA ALA A 26 1.95 -0.04 7.10
C ALA A 26 0.84 -0.26 8.12
N VAL A 27 -0.36 -0.46 7.59
CA VAL A 27 -1.54 -0.65 8.42
C VAL A 27 -1.43 -1.88 9.30
N LEU A 28 -1.02 -3.02 8.74
CA LEU A 28 -0.90 -4.23 9.54
C LEU A 28 0.13 -4.06 10.64
N LEU A 29 1.29 -3.47 10.35
CA LEU A 29 2.29 -3.26 11.39
C LEU A 29 1.73 -2.36 12.48
N ALA A 30 1.10 -1.28 12.07
CA ALA A 30 0.50 -0.34 13.02
C ALA A 30 -0.73 -0.96 13.68
N LEU A 31 -1.53 -1.79 13.01
CA LEU A 31 -2.70 -2.37 13.66
C LEU A 31 -2.26 -3.22 14.87
N ARG A 32 -1.19 -4.00 14.63
CA ARG A 32 -0.62 -4.90 15.65
C ARG A 32 0.11 -4.14 16.76
N PHE A 33 0.96 -3.19 16.38
CA PHE A 33 1.69 -2.40 17.38
C PHE A 33 0.68 -1.76 18.31
N CYS A 34 -0.42 -1.27 17.76
CA CYS A 34 -1.45 -0.67 18.54
C CYS A 34 -2.35 -1.75 19.16
N GLY A 35 -2.39 -2.92 18.52
CA GLY A 35 -3.20 -4.03 19.05
C GLY A 35 -2.72 -4.47 20.41
N ILE A 36 -1.41 -4.64 20.55
CA ILE A 36 -0.81 -5.08 21.81
C ILE A 36 -0.82 -3.98 22.87
N TYR A 37 -0.98 -2.79 22.38
CA TYR A 37 -1.14 -1.59 23.23
C TYR A 37 -2.55 -1.51 23.82
N GLY A 38 -3.45 -2.35 23.33
CA GLY A 38 -4.83 -2.28 23.79
C GLY A 38 -5.41 -1.02 23.18
N TYR A 39 -4.57 -0.32 22.41
CA TYR A 39 -4.93 0.94 21.75
C TYR A 39 -6.41 1.01 21.45
N ARG A 40 -6.94 -0.07 20.91
CA ARG A 40 -8.33 -0.10 20.51
C ARG A 40 -9.24 0.15 21.72
N LEU A 41 -8.95 1.21 22.48
CA LEU A 41 -9.81 1.56 23.61
C LEU A 41 -11.17 1.78 22.98
N ARG A 42 -11.10 2.07 21.69
CA ARG A 42 -12.26 2.34 20.87
C ARG A 42 -12.92 1.06 20.37
N ARG A 43 -13.97 0.65 21.07
CA ARG A 43 -14.77 -0.50 20.69
C ARG A 43 -16.15 -0.29 21.26
N LYS A 44 -16.64 0.92 21.04
CA LYS A 44 -17.95 1.34 21.54
C LYS A 44 -19.08 0.59 20.84
N GLY A 1 11.05 3.21 -34.73
CA GLY A 1 10.08 4.23 -35.22
C GLY A 1 9.01 4.46 -34.18
N LYS A 2 7.97 3.63 -34.21
CA LYS A 2 6.87 3.75 -33.26
C LYS A 2 6.62 2.41 -32.56
N ARG A 3 6.25 2.48 -31.29
CA ARG A 3 5.98 1.28 -30.51
C ARG A 3 4.47 1.04 -30.39
N SER A 4 4.07 -0.22 -30.58
CA SER A 4 2.65 -0.57 -30.49
C SER A 4 2.12 -0.28 -29.09
N TRP A 5 2.90 -0.65 -28.08
CA TRP A 5 2.50 -0.44 -26.69
C TRP A 5 3.35 0.65 -26.04
N ASP A 6 2.73 1.44 -25.18
CA ASP A 6 3.45 2.52 -24.50
C ASP A 6 4.03 2.02 -23.18
N THR A 7 5.36 1.96 -23.11
CA THR A 7 6.04 1.50 -21.90
C THR A 7 5.85 2.50 -20.78
N GLU A 8 5.47 3.72 -21.12
CA GLU A 8 5.25 4.74 -20.10
C GLU A 8 4.10 4.32 -19.19
N SER A 9 3.06 3.75 -19.81
CA SER A 9 1.92 3.26 -19.06
C SER A 9 2.33 2.13 -18.14
N VAL A 10 3.21 1.26 -18.64
CA VAL A 10 3.69 0.12 -17.87
C VAL A 10 4.48 0.58 -16.65
N LEU A 11 5.34 1.57 -16.84
CA LEU A 11 6.16 2.07 -15.75
C LEU A 11 5.30 2.65 -14.63
N ALA A 12 4.28 3.38 -15.02
CA ALA A 12 3.38 4.01 -14.06
C ALA A 12 2.65 2.97 -13.19
N MET A 13 2.31 1.82 -13.77
CA MET A 13 1.58 0.79 -13.03
C MET A 13 2.36 0.23 -11.84
N TRP A 14 3.66 -0.02 -11.96
CA TRP A 14 4.38 -0.57 -10.80
C TRP A 14 4.45 0.46 -9.68
N VAL A 15 4.49 1.75 -10.00
CA VAL A 15 4.54 2.78 -8.95
C VAL A 15 3.29 2.70 -8.10
N LEU A 16 2.13 2.59 -8.74
CA LEU A 16 0.87 2.48 -8.01
C LEU A 16 0.87 1.22 -7.17
N ALA A 17 1.36 0.12 -7.72
CA ALA A 17 1.40 -1.15 -6.98
C ALA A 17 2.24 -1.02 -5.71
N LEU A 18 3.39 -0.36 -5.82
CA LEU A 18 4.25 -0.17 -4.66
C LEU A 18 3.55 0.67 -3.59
N ILE A 19 2.81 1.69 -4.01
CA ILE A 19 2.13 2.55 -3.04
C ILE A 19 1.14 1.74 -2.23
N VAL A 20 0.39 0.88 -2.93
CA VAL A 20 -0.60 0.04 -2.27
C VAL A 20 0.06 -0.92 -1.29
N ILE A 21 1.17 -1.53 -1.68
CA ILE A 21 1.85 -2.48 -0.80
C ILE A 21 2.36 -1.81 0.47
N PHE A 22 2.95 -0.62 0.35
CA PHE A 22 3.46 0.05 1.55
C PHE A 22 2.31 0.40 2.51
N LEU A 23 1.22 0.92 1.95
CA LEU A 23 0.06 1.29 2.76
C LEU A 23 -0.55 0.03 3.39
N THR A 24 -0.62 -1.04 2.60
CA THR A 24 -1.18 -2.29 3.13
C THR A 24 -0.32 -2.82 4.27
N ILE A 25 0.98 -2.86 4.04
CA ILE A 25 1.93 -3.32 5.04
C ILE A 25 1.95 -2.39 6.24
N ALA A 26 1.91 -1.08 5.98
CA ALA A 26 1.95 -0.10 7.05
C ALA A 26 0.80 -0.28 8.03
N VAL A 27 -0.38 -0.53 7.49
CA VAL A 27 -1.57 -0.73 8.31
C VAL A 27 -1.46 -1.95 9.20
N LEU A 28 -0.99 -3.06 8.66
CA LEU A 28 -0.87 -4.28 9.46
C LEU A 28 0.11 -4.08 10.60
N LEU A 29 1.25 -3.45 10.34
CA LEU A 29 2.23 -3.23 11.40
C LEU A 29 1.63 -2.33 12.48
N ALA A 30 0.95 -1.28 12.06
CA ALA A 30 0.31 -0.36 12.99
C ALA A 30 -0.87 -1.01 13.71
N LEU A 31 -1.63 -1.87 13.02
CA LEU A 31 -2.76 -2.52 13.67
C LEU A 31 -2.28 -3.35 14.85
N ARG A 32 -1.19 -4.08 14.62
CA ARG A 32 -0.59 -4.93 15.65
C ARG A 32 -0.09 -4.06 16.79
N PHE A 33 0.54 -2.94 16.43
CA PHE A 33 1.09 -2.01 17.41
C PHE A 33 -0.03 -1.49 18.31
N CYS A 34 -1.14 -1.09 17.72
CA CYS A 34 -2.28 -0.60 18.48
C CYS A 34 -3.01 -1.77 19.12
N GLY A 35 -2.82 -2.95 18.55
CA GLY A 35 -3.47 -4.15 19.07
C GLY A 35 -2.94 -4.47 20.47
N ILE A 36 -1.66 -4.19 20.69
CA ILE A 36 -1.03 -4.47 21.97
C ILE A 36 -1.18 -3.28 22.93
N TYR A 37 -1.80 -2.18 22.46
CA TYR A 37 -2.03 -1.03 23.33
C TYR A 37 -3.52 -0.88 23.64
N GLY A 38 -4.34 -1.73 23.04
CA GLY A 38 -5.78 -1.69 23.27
C GLY A 38 -6.43 -0.53 22.54
N TYR A 39 -5.77 -0.04 21.50
CA TYR A 39 -6.30 1.09 20.71
C TYR A 39 -7.05 2.08 21.58
N ARG A 40 -6.36 3.14 21.98
CA ARG A 40 -6.97 4.16 22.83
C ARG A 40 -7.98 4.99 22.04
N LEU A 41 -9.01 5.49 22.72
CA LEU A 41 -10.03 6.30 22.07
C LEU A 41 -9.81 7.78 22.34
N ARG A 42 -9.83 8.57 21.28
CA ARG A 42 -9.64 10.02 21.41
C ARG A 42 -10.72 10.63 22.28
N ARG A 43 -11.96 10.20 22.06
CA ARG A 43 -13.09 10.71 22.82
C ARG A 43 -12.95 12.22 23.03
N LYS A 44 -13.30 12.99 22.00
CA LYS A 44 -13.22 14.44 22.07
C LYS A 44 -11.81 14.87 22.49
N GLY A 1 8.21 -3.05 -27.50
CA GLY A 1 6.86 -2.86 -28.11
C GLY A 1 6.99 -2.06 -29.40
N LYS A 2 5.84 -1.72 -30.00
CA LYS A 2 5.84 -0.95 -31.24
C LYS A 2 6.45 0.43 -31.01
N ARG A 3 6.09 1.05 -29.89
CA ARG A 3 6.61 2.37 -29.57
C ARG A 3 6.93 2.48 -28.08
N SER A 4 7.93 3.28 -27.74
CA SER A 4 8.35 3.45 -26.35
C SER A 4 7.27 4.11 -25.51
N TRP A 5 6.33 4.78 -26.16
CA TRP A 5 5.25 5.46 -25.45
C TRP A 5 4.43 4.48 -24.60
N ASP A 6 4.26 3.26 -25.11
CA ASP A 6 3.47 2.27 -24.39
C ASP A 6 4.12 1.90 -23.05
N THR A 7 5.45 1.89 -23.00
CA THR A 7 6.16 1.54 -21.79
C THR A 7 5.92 2.56 -20.68
N GLU A 8 5.50 3.76 -21.06
CA GLU A 8 5.22 4.78 -20.07
C GLU A 8 4.07 4.34 -19.17
N SER A 9 3.07 3.74 -19.80
CA SER A 9 1.91 3.23 -19.07
C SER A 9 2.35 2.10 -18.15
N VAL A 10 3.26 1.27 -18.64
CA VAL A 10 3.76 0.14 -17.87
C VAL A 10 4.52 0.61 -16.64
N LEU A 11 5.36 1.62 -16.81
CA LEU A 11 6.16 2.14 -15.70
C LEU A 11 5.27 2.69 -14.59
N ALA A 12 4.23 3.40 -14.99
CA ALA A 12 3.30 4.00 -14.04
C ALA A 12 2.58 2.95 -13.18
N MET A 13 2.27 1.80 -13.77
CA MET A 13 1.54 0.76 -13.05
C MET A 13 2.31 0.20 -11.85
N TRP A 14 3.62 -0.04 -11.95
CA TRP A 14 4.34 -0.62 -10.80
C TRP A 14 4.39 0.39 -9.65
N VAL A 15 4.44 1.70 -9.95
CA VAL A 15 4.48 2.69 -8.90
C VAL A 15 3.21 2.60 -8.07
N LEU A 16 2.06 2.50 -8.74
CA LEU A 16 0.79 2.39 -8.01
C LEU A 16 0.81 1.11 -7.17
N ALA A 17 1.29 0.02 -7.73
CA ALA A 17 1.35 -1.25 -7.01
C ALA A 17 2.21 -1.14 -5.75
N LEU A 18 3.37 -0.49 -5.86
CA LEU A 18 4.25 -0.31 -4.70
C LEU A 18 3.59 0.58 -3.64
N ILE A 19 2.88 1.62 -4.05
CA ILE A 19 2.24 2.51 -3.09
C ILE A 19 1.23 1.73 -2.24
N VAL A 20 0.45 0.91 -2.93
CA VAL A 20 -0.57 0.11 -2.27
C VAL A 20 0.07 -0.88 -1.29
N ILE A 21 1.18 -1.52 -1.70
CA ILE A 21 1.85 -2.48 -0.83
C ILE A 21 2.37 -1.82 0.46
N PHE A 22 2.99 -0.64 0.33
CA PHE A 22 3.50 0.02 1.53
C PHE A 22 2.35 0.40 2.47
N LEU A 23 1.28 0.93 1.91
CA LEU A 23 0.12 1.32 2.71
C LEU A 23 -0.51 0.09 3.37
N THR A 24 -0.60 -0.99 2.59
CA THR A 24 -1.17 -2.23 3.13
C THR A 24 -0.32 -2.75 4.28
N ILE A 25 0.99 -2.79 4.04
CA ILE A 25 1.95 -3.25 5.04
C ILE A 25 1.96 -2.32 6.25
N ALA A 26 1.95 -1.02 5.99
CA ALA A 26 2.01 -0.05 7.07
C ALA A 26 0.85 -0.22 8.05
N VAL A 27 -0.34 -0.45 7.49
CA VAL A 27 -1.53 -0.61 8.30
C VAL A 27 -1.44 -1.84 9.20
N LEU A 28 -1.00 -2.96 8.66
CA LEU A 28 -0.89 -4.18 9.46
C LEU A 28 0.10 -3.99 10.60
N LEU A 29 1.24 -3.37 10.34
CA LEU A 29 2.22 -3.16 11.40
C LEU A 29 1.62 -2.26 12.48
N ALA A 30 0.95 -1.21 12.06
CA ALA A 30 0.31 -0.27 12.98
C ALA A 30 -0.87 -0.93 13.70
N LEU A 31 -1.63 -1.77 13.02
CA LEU A 31 -2.77 -2.41 13.65
C LEU A 31 -2.30 -3.26 14.83
N ARG A 32 -1.22 -3.99 14.60
CA ARG A 32 -0.63 -4.85 15.62
C ARG A 32 -0.13 -3.99 16.78
N PHE A 33 0.50 -2.87 16.43
CA PHE A 33 1.04 -1.96 17.44
C PHE A 33 -0.08 -1.46 18.34
N CYS A 34 -1.18 -1.05 17.74
CA CYS A 34 -2.33 -0.57 18.50
C CYS A 34 -3.06 -1.76 19.12
N GLY A 35 -2.88 -2.93 18.51
CA GLY A 35 -3.51 -4.14 19.02
C GLY A 35 -2.97 -4.51 20.40
N ILE A 36 -1.69 -4.26 20.60
CA ILE A 36 -1.05 -4.58 21.88
C ILE A 36 -1.16 -3.42 22.88
N TYR A 37 -1.76 -2.31 22.46
CA TYR A 37 -1.97 -1.18 23.36
C TYR A 37 -3.46 -1.03 23.69
N GLY A 38 -4.29 -1.87 23.07
CA GLY A 38 -5.72 -1.82 23.32
C GLY A 38 -6.37 -0.64 22.59
N TYR A 39 -5.70 -0.16 21.54
CA TYR A 39 -6.21 0.97 20.77
C TYR A 39 -6.87 2.00 21.67
N ARG A 40 -6.10 3.03 22.04
CA ARG A 40 -6.59 4.09 22.90
C ARG A 40 -6.33 5.47 22.28
N LEU A 41 -7.22 6.41 22.55
CA LEU A 41 -7.09 7.76 22.00
C LEU A 41 -6.69 8.73 23.11
N ARG A 42 -5.67 9.55 22.84
CA ARG A 42 -5.20 10.51 23.81
C ARG A 42 -6.18 11.69 23.92
N ARG A 43 -6.33 12.20 25.14
CA ARG A 43 -7.24 13.32 25.37
C ARG A 43 -6.61 14.63 24.90
N LYS A 44 -7.44 15.52 24.37
CA LYS A 44 -6.96 16.80 23.88
C LYS A 44 -5.73 16.61 22.99
N GLY A 1 6.44 0.41 -29.92
CA GLY A 1 6.11 1.39 -30.99
C GLY A 1 4.77 2.04 -30.68
N LYS A 2 4.31 2.90 -31.59
CA LYS A 2 3.03 3.59 -31.41
C LYS A 2 1.89 2.58 -31.37
N ARG A 3 1.94 1.60 -32.27
CA ARG A 3 0.89 0.58 -32.33
C ARG A 3 0.85 -0.19 -31.02
N SER A 4 2.02 -0.54 -30.50
CA SER A 4 2.10 -1.27 -29.24
C SER A 4 1.84 -0.34 -28.06
N TRP A 5 1.59 -0.91 -26.89
CA TRP A 5 1.33 -0.10 -25.70
C TRP A 5 2.61 0.58 -25.24
N ASP A 6 2.49 1.84 -24.86
CA ASP A 6 3.65 2.61 -24.40
C ASP A 6 4.18 2.07 -23.08
N THR A 7 5.50 2.02 -22.96
CA THR A 7 6.14 1.54 -21.75
C THR A 7 5.92 2.52 -20.60
N GLU A 8 5.54 3.74 -20.96
CA GLU A 8 5.29 4.77 -19.95
C GLU A 8 4.13 4.33 -19.06
N SER A 9 3.13 3.71 -19.67
CA SER A 9 1.98 3.23 -18.91
C SER A 9 2.40 2.09 -17.99
N VAL A 10 3.33 1.26 -18.47
CA VAL A 10 3.83 0.14 -17.69
C VAL A 10 4.56 0.65 -16.45
N LEU A 11 5.39 1.67 -16.62
CA LEU A 11 6.15 2.23 -15.52
C LEU A 11 5.22 2.76 -14.43
N ALA A 12 4.18 3.45 -14.87
CA ALA A 12 3.21 4.03 -13.95
C ALA A 12 2.48 2.95 -13.13
N MET A 13 2.19 1.81 -13.76
CA MET A 13 1.46 0.74 -13.08
C MET A 13 2.23 0.14 -11.89
N TRP A 14 3.53 -0.11 -12.01
CA TRP A 14 4.23 -0.70 -10.87
C TRP A 14 4.33 0.32 -9.74
N VAL A 15 4.42 1.61 -10.04
CA VAL A 15 4.51 2.60 -8.99
C VAL A 15 3.23 2.56 -8.14
N LEU A 16 2.08 2.50 -8.78
CA LEU A 16 0.82 2.43 -8.05
C LEU A 16 0.77 1.15 -7.23
N ALA A 17 1.21 0.04 -7.81
CA ALA A 17 1.18 -1.24 -7.10
C ALA A 17 2.06 -1.20 -5.85
N LEU A 18 3.27 -0.66 -5.98
CA LEU A 18 4.18 -0.55 -4.83
C LEU A 18 3.59 0.38 -3.76
N ILE A 19 2.95 1.46 -4.18
CA ILE A 19 2.40 2.42 -3.21
C ILE A 19 1.36 1.72 -2.33
N VAL A 20 0.51 0.95 -3.00
CA VAL A 20 -0.55 0.20 -2.32
C VAL A 20 0.05 -0.82 -1.34
N ILE A 21 1.10 -1.51 -1.76
CA ILE A 21 1.72 -2.52 -0.90
C ILE A 21 2.28 -1.89 0.37
N PHE A 22 2.99 -0.76 0.25
CA PHE A 22 3.57 -0.13 1.45
C PHE A 22 2.47 0.31 2.40
N LEU A 23 1.44 0.93 1.85
CA LEU A 23 0.33 1.40 2.65
C LEU A 23 -0.39 0.24 3.32
N THR A 24 -0.58 -0.85 2.56
CA THR A 24 -1.25 -2.02 3.09
C THR A 24 -0.43 -2.62 4.24
N ILE A 25 0.87 -2.77 3.99
CA ILE A 25 1.78 -3.33 4.98
C ILE A 25 1.88 -2.42 6.21
N ALA A 26 1.97 -1.13 5.96
CA ALA A 26 2.10 -0.16 7.03
C ALA A 26 0.96 -0.26 8.03
N VAL A 27 -0.25 -0.41 7.49
CA VAL A 27 -1.45 -0.49 8.33
C VAL A 27 -1.43 -1.71 9.24
N LEU A 28 -1.09 -2.88 8.69
CA LEU A 28 -1.06 -4.10 9.49
C LEU A 28 -0.02 -3.99 10.62
N LEU A 29 1.15 -3.45 10.32
CA LEU A 29 2.16 -3.31 11.36
C LEU A 29 1.67 -2.37 12.45
N ALA A 30 1.07 -1.26 12.03
CA ALA A 30 0.53 -0.28 12.98
C ALA A 30 -0.68 -0.84 13.72
N LEU A 31 -1.53 -1.63 13.05
CA LEU A 31 -2.70 -2.18 13.71
C LEU A 31 -2.26 -3.06 14.88
N ARG A 32 -1.24 -3.87 14.63
CA ARG A 32 -0.68 -4.76 15.65
C ARG A 32 -0.10 -3.92 16.78
N PHE A 33 0.61 -2.86 16.41
CA PHE A 33 1.22 -1.96 17.37
C PHE A 33 0.17 -1.35 18.28
N CYS A 34 -0.92 -0.89 17.71
CA CYS A 34 -2.00 -0.30 18.49
C CYS A 34 -2.83 -1.42 19.12
N GLY A 35 -2.74 -2.61 18.54
CA GLY A 35 -3.46 -3.76 19.08
C GLY A 35 -2.91 -4.14 20.45
N ILE A 36 -1.59 -4.07 20.59
CA ILE A 36 -0.94 -4.40 21.85
C ILE A 36 -1.21 -3.32 22.90
N TYR A 37 -1.93 -2.26 22.50
CA TYR A 37 -2.28 -1.20 23.45
C TYR A 37 -3.75 -1.29 23.80
N GLY A 38 -4.44 -2.27 23.19
CA GLY A 38 -5.87 -2.47 23.45
C GLY A 38 -6.74 -1.60 22.55
N TYR A 39 -6.11 -0.94 21.57
CA TYR A 39 -6.83 -0.08 20.63
C TYR A 39 -6.72 -0.62 19.22
N ARG A 40 -7.83 -0.61 18.48
CA ARG A 40 -7.85 -1.09 17.11
C ARG A 40 -8.48 -0.06 16.18
N LEU A 41 -7.99 -0.01 14.95
CA LEU A 41 -8.51 0.93 13.96
C LEU A 41 -9.29 0.20 12.88
N ARG A 42 -10.49 0.71 12.58
CA ARG A 42 -11.34 0.09 11.56
C ARG A 42 -11.29 -1.43 11.68
N ARG A 43 -12.10 -1.98 12.59
CA ARG A 43 -12.15 -3.41 12.80
C ARG A 43 -12.66 -4.12 11.54
N LYS A 44 -13.66 -3.51 10.90
CA LYS A 44 -14.25 -4.08 9.69
C LYS A 44 -14.18 -3.07 8.54
N GLY A 1 -1.45 -5.47 -39.52
CA GLY A 1 -2.03 -4.64 -38.42
C GLY A 1 -1.49 -5.12 -37.08
N LYS A 2 -0.70 -4.28 -36.43
CA LYS A 2 -0.12 -4.63 -35.14
C LYS A 2 -0.43 -3.54 -34.10
N ARG A 3 -0.62 -3.96 -32.85
CA ARG A 3 -0.93 -3.02 -31.79
C ARG A 3 -0.01 -3.26 -30.59
N SER A 4 0.31 -2.19 -29.88
CA SER A 4 1.18 -2.28 -28.72
C SER A 4 0.89 -1.16 -27.72
N TRP A 5 1.36 -1.34 -26.48
CA TRP A 5 1.15 -0.33 -25.45
C TRP A 5 2.45 0.38 -25.11
N ASP A 6 2.36 1.67 -24.82
CA ASP A 6 3.54 2.45 -24.49
C ASP A 6 4.14 1.99 -23.16
N THR A 7 5.47 1.98 -23.09
CA THR A 7 6.16 1.56 -21.87
C THR A 7 5.93 2.56 -20.76
N GLU A 8 5.51 3.77 -21.13
CA GLU A 8 5.25 4.80 -20.13
C GLU A 8 4.10 4.36 -19.21
N SER A 9 3.10 3.75 -19.82
CA SER A 9 1.96 3.26 -19.04
C SER A 9 2.38 2.11 -18.14
N VAL A 10 3.30 1.29 -18.64
CA VAL A 10 3.81 0.16 -17.87
C VAL A 10 4.57 0.63 -16.65
N LEU A 11 5.40 1.65 -16.84
CA LEU A 11 6.23 2.18 -15.76
C LEU A 11 5.33 2.73 -14.64
N ALA A 12 4.28 3.43 -15.04
CA ALA A 12 3.35 4.03 -14.09
C ALA A 12 2.66 2.97 -13.22
N MET A 13 2.36 1.80 -13.80
CA MET A 13 1.66 0.75 -13.07
C MET A 13 2.44 0.21 -11.87
N TRP A 14 3.75 0.00 -11.98
CA TRP A 14 4.48 -0.54 -10.83
C TRP A 14 4.49 0.50 -9.71
N VAL A 15 4.48 1.80 -10.02
CA VAL A 15 4.48 2.81 -8.97
C VAL A 15 3.22 2.69 -8.13
N LEU A 16 2.07 2.55 -8.77
CA LEU A 16 0.81 2.42 -8.06
C LEU A 16 0.84 1.15 -7.20
N ALA A 17 1.37 0.06 -7.75
CA ALA A 17 1.42 -1.19 -7.00
C ALA A 17 2.24 -1.02 -5.71
N LEU A 18 3.36 -0.32 -5.81
CA LEU A 18 4.21 -0.09 -4.62
C LEU A 18 3.46 0.73 -3.56
N ILE A 19 2.68 1.71 -3.98
CA ILE A 19 1.95 2.54 -3.01
C ILE A 19 1.00 1.65 -2.21
N VAL A 20 0.36 0.73 -2.93
CA VAL A 20 -0.60 -0.16 -2.27
C VAL A 20 0.12 -1.06 -1.27
N ILE A 21 1.27 -1.60 -1.66
CA ILE A 21 2.00 -2.51 -0.79
C ILE A 21 2.44 -1.81 0.49
N PHE A 22 2.97 -0.59 0.38
CA PHE A 22 3.39 0.11 1.60
C PHE A 22 2.19 0.40 2.50
N LEU A 23 1.09 0.84 1.92
CA LEU A 23 -0.10 1.15 2.71
C LEU A 23 -0.65 -0.11 3.36
N THR A 24 -0.65 -1.19 2.59
CA THR A 24 -1.15 -2.45 3.12
C THR A 24 -0.29 -2.91 4.29
N ILE A 25 1.03 -2.88 4.07
CA ILE A 25 1.98 -3.29 5.09
C ILE A 25 1.93 -2.35 6.30
N ALA A 26 1.85 -1.05 6.00
CA ALA A 26 1.84 -0.03 7.07
C ALA A 26 0.70 -0.28 8.05
N VAL A 27 -0.47 -0.55 7.48
CA VAL A 27 -1.66 -0.78 8.29
C VAL A 27 -1.51 -1.99 9.20
N LEU A 28 -1.02 -3.10 8.67
CA LEU A 28 -0.85 -4.30 9.46
C LEU A 28 0.12 -4.08 10.61
N LEU A 29 1.24 -3.41 10.35
CA LEU A 29 2.21 -3.16 11.41
C LEU A 29 1.59 -2.28 12.49
N ALA A 30 0.88 -1.25 12.05
CA ALA A 30 0.21 -0.34 12.97
C ALA A 30 -0.95 -1.03 13.70
N LEU A 31 -1.69 -1.91 13.01
CA LEU A 31 -2.81 -2.58 13.66
C LEU A 31 -2.30 -3.41 14.85
N ARG A 32 -1.18 -4.10 14.62
CA ARG A 32 -0.58 -4.94 15.66
C ARG A 32 -0.12 -4.06 16.82
N PHE A 33 0.48 -2.92 16.48
CA PHE A 33 0.97 -2.00 17.50
C PHE A 33 -0.18 -1.51 18.36
N CYS A 34 -1.27 -1.13 17.70
CA CYS A 34 -2.46 -0.66 18.39
C CYS A 34 -3.17 -1.83 19.07
N GLY A 35 -3.00 -3.02 18.52
CA GLY A 35 -3.63 -4.21 19.10
C GLY A 35 -3.08 -4.52 20.49
N ILE A 36 -1.77 -4.36 20.65
CA ILE A 36 -1.13 -4.62 21.93
C ILE A 36 -1.11 -3.37 22.81
N TYR A 37 -1.64 -2.27 22.28
CA TYR A 37 -1.69 -1.02 23.05
C TYR A 37 -3.10 -0.77 23.58
N GLY A 38 -4.07 -1.54 23.08
CA GLY A 38 -5.45 -1.39 23.52
C GLY A 38 -6.11 -0.20 22.84
N TYR A 39 -5.57 0.22 21.71
CA TYR A 39 -6.12 1.36 20.98
C TYR A 39 -6.36 2.52 21.94
N ARG A 40 -7.62 2.69 22.34
CA ARG A 40 -7.99 3.77 23.26
C ARG A 40 -8.77 3.22 24.44
N LEU A 41 -8.58 3.82 25.61
CA LEU A 41 -9.28 3.38 26.81
C LEU A 41 -10.79 3.53 26.66
N ARG A 42 -11.20 4.66 26.08
CA ARG A 42 -12.62 4.92 25.88
C ARG A 42 -12.89 5.32 24.42
N ARG A 43 -14.05 4.91 23.91
CA ARG A 43 -14.43 5.23 22.54
C ARG A 43 -15.80 5.91 22.50
N LYS A 44 -15.88 7.01 21.76
CA LYS A 44 -17.13 7.74 21.65
C LYS A 44 -17.69 8.06 23.03
N GLY A 1 8.02 -4.35 -37.24
CA GLY A 1 7.19 -4.30 -36.01
C GLY A 1 6.49 -2.95 -35.91
N LYS A 2 5.48 -2.75 -36.75
CA LYS A 2 4.73 -1.49 -36.77
C LYS A 2 4.04 -1.29 -35.42
N ARG A 3 3.47 -2.36 -34.89
CA ARG A 3 2.78 -2.29 -33.60
C ARG A 3 3.79 -2.22 -32.46
N SER A 4 3.44 -1.48 -31.41
CA SER A 4 4.33 -1.34 -30.27
C SER A 4 3.54 -1.00 -29.01
N TRP A 5 4.17 -1.20 -27.86
CA TRP A 5 3.53 -0.92 -26.57
C TRP A 5 4.18 0.29 -25.91
N ASP A 6 3.38 1.06 -25.17
CA ASP A 6 3.89 2.24 -24.49
C ASP A 6 4.44 1.87 -23.12
N THR A 7 5.76 1.96 -22.97
CA THR A 7 6.42 1.64 -21.72
C THR A 7 6.06 2.63 -20.62
N GLU A 8 5.56 3.80 -21.02
CA GLU A 8 5.20 4.81 -20.04
C GLU A 8 4.06 4.29 -19.16
N SER A 9 3.10 3.61 -19.80
CA SER A 9 1.98 3.04 -19.07
C SER A 9 2.46 1.97 -18.11
N VAL A 10 3.42 1.16 -18.56
CA VAL A 10 3.97 0.09 -17.75
C VAL A 10 4.69 0.66 -16.53
N LEU A 11 5.48 1.71 -16.73
CA LEU A 11 6.25 2.31 -15.67
C LEU A 11 5.30 2.84 -14.58
N ALA A 12 4.24 3.48 -15.02
CA ALA A 12 3.25 4.04 -14.10
C ALA A 12 2.54 2.96 -13.27
N MET A 13 2.28 1.81 -13.86
CA MET A 13 1.56 0.74 -13.16
C MET A 13 2.33 0.18 -11.96
N TRP A 14 3.64 -0.02 -12.06
CA TRP A 14 4.35 -0.56 -10.89
C TRP A 14 4.33 0.46 -9.76
N VAL A 15 4.32 1.76 -10.06
CA VAL A 15 4.29 2.77 -9.02
C VAL A 15 3.02 2.62 -8.19
N LEU A 16 1.88 2.45 -8.85
CA LEU A 16 0.63 2.29 -8.13
C LEU A 16 0.68 1.02 -7.28
N ALA A 17 1.22 -0.06 -7.84
CA ALA A 17 1.32 -1.31 -7.12
C ALA A 17 2.17 -1.17 -5.85
N LEU A 18 3.33 -0.54 -5.97
CA LEU A 18 4.20 -0.34 -4.81
C LEU A 18 3.53 0.56 -3.77
N ILE A 19 2.82 1.59 -4.22
CA ILE A 19 2.19 2.51 -3.24
C ILE A 19 1.19 1.75 -2.37
N VAL A 20 0.42 0.89 -3.01
CA VAL A 20 -0.58 0.07 -2.34
C VAL A 20 0.08 -0.88 -1.33
N ILE A 21 1.19 -1.49 -1.71
CA ILE A 21 1.87 -2.43 -0.84
C ILE A 21 2.38 -1.74 0.46
N PHE A 22 2.97 -0.57 0.32
CA PHE A 22 3.49 0.12 1.52
C PHE A 22 2.37 0.45 2.51
N LEU A 23 1.28 1.01 1.99
CA LEU A 23 0.14 1.35 2.85
C LEU A 23 -0.49 0.10 3.47
N THR A 24 -0.59 -0.95 2.66
CA THR A 24 -1.19 -2.18 3.16
C THR A 24 -0.35 -2.76 4.31
N ILE A 25 0.95 -2.83 4.08
CA ILE A 25 1.89 -3.33 5.08
C ILE A 25 1.93 -2.40 6.28
N ALA A 26 1.89 -1.10 6.00
CA ALA A 26 1.96 -0.10 7.07
C ALA A 26 0.82 -0.27 8.07
N VAL A 27 -0.37 -0.49 7.53
CA VAL A 27 -1.57 -0.65 8.34
C VAL A 27 -1.49 -1.88 9.24
N LEU A 28 -1.05 -3.02 8.70
CA LEU A 28 -0.94 -4.24 9.49
C LEU A 28 0.06 -4.07 10.62
N LEU A 29 1.20 -3.44 10.35
CA LEU A 29 2.18 -3.25 11.41
C LEU A 29 1.61 -2.35 12.50
N ALA A 30 0.94 -1.28 12.08
CA ALA A 30 0.32 -0.34 13.00
C ALA A 30 -0.86 -0.98 13.73
N LEU A 31 -1.63 -1.82 13.05
CA LEU A 31 -2.78 -2.44 13.70
C LEU A 31 -2.32 -3.29 14.87
N ARG A 32 -1.24 -4.05 14.65
CA ARG A 32 -0.66 -4.90 15.68
C ARG A 32 -0.16 -4.05 16.83
N PHE A 33 0.50 -2.95 16.48
CA PHE A 33 1.06 -2.04 17.48
C PHE A 33 -0.06 -1.47 18.34
N CYS A 34 -1.14 -1.05 17.71
CA CYS A 34 -2.30 -0.51 18.41
C CYS A 34 -3.09 -1.64 19.06
N GLY A 35 -2.99 -2.83 18.50
CA GLY A 35 -3.70 -3.99 19.02
C GLY A 35 -3.18 -4.38 20.41
N ILE A 36 -1.85 -4.29 20.57
CA ILE A 36 -1.22 -4.62 21.84
C ILE A 36 -1.19 -3.40 22.76
N TYR A 37 -1.72 -2.29 22.26
CA TYR A 37 -1.79 -1.07 23.05
C TYR A 37 -3.16 -0.94 23.69
N GLY A 38 -4.06 -1.84 23.32
CA GLY A 38 -5.42 -1.83 23.87
C GLY A 38 -6.30 -0.84 23.10
N TYR A 39 -5.88 -0.47 21.90
CA TYR A 39 -6.66 0.45 21.09
C TYR A 39 -8.03 -0.13 20.79
N ARG A 40 -8.05 -1.38 20.36
CA ARG A 40 -9.31 -2.06 20.04
C ARG A 40 -10.16 -2.19 21.30
N LEU A 41 -9.52 -2.57 22.41
CA LEU A 41 -10.22 -2.75 23.67
C LEU A 41 -10.57 -1.39 24.29
N ARG A 42 -11.73 -1.32 24.91
CA ARG A 42 -12.18 -0.07 25.55
C ARG A 42 -12.59 -0.34 27.00
N ARG A 43 -12.34 0.64 27.86
CA ARG A 43 -12.70 0.51 29.28
C ARG A 43 -12.39 -0.90 29.77
N LYS A 44 -11.12 -1.14 30.10
CA LYS A 44 -10.70 -2.45 30.60
C LYS A 44 -9.43 -2.32 31.43
N GLY A 1 0.62 2.88 -34.28
CA GLY A 1 0.18 3.73 -33.14
C GLY A 1 -0.70 2.90 -32.20
N LYS A 2 -1.90 2.59 -32.64
CA LYS A 2 -2.83 1.81 -31.83
C LYS A 2 -2.27 0.41 -31.57
N ARG A 3 -1.69 -0.18 -32.61
CA ARG A 3 -1.11 -1.52 -32.48
C ARG A 3 0.06 -1.51 -31.50
N SER A 4 0.86 -0.45 -31.55
CA SER A 4 2.00 -0.33 -30.67
C SER A 4 1.56 -0.03 -29.24
N TRP A 5 2.32 -0.51 -28.27
CA TRP A 5 1.99 -0.29 -26.86
C TRP A 5 2.96 0.71 -26.23
N ASP A 6 2.44 1.54 -25.35
CA ASP A 6 3.27 2.55 -24.68
C ASP A 6 3.84 2.00 -23.38
N THR A 7 5.16 1.82 -23.35
CA THR A 7 5.84 1.31 -22.17
C THR A 7 5.74 2.31 -21.02
N GLU A 8 5.48 3.57 -21.35
CA GLU A 8 5.37 4.60 -20.33
C GLU A 8 4.22 4.29 -19.38
N SER A 9 3.12 3.79 -19.94
CA SER A 9 1.96 3.42 -19.14
C SER A 9 2.29 2.22 -18.27
N VAL A 10 3.10 1.32 -18.80
CA VAL A 10 3.51 0.13 -18.07
C VAL A 10 4.35 0.51 -16.86
N LEU A 11 5.27 1.44 -17.05
CA LEU A 11 6.14 1.87 -15.96
C LEU A 11 5.33 2.49 -14.82
N ALA A 12 4.35 3.29 -15.19
CA ALA A 12 3.51 3.96 -14.20
C ALA A 12 2.75 2.96 -13.33
N MET A 13 2.34 1.83 -13.90
CA MET A 13 1.57 0.82 -13.15
C MET A 13 2.35 0.23 -11.96
N TRP A 14 3.64 -0.10 -12.11
CA TRP A 14 4.34 -0.68 -10.97
C TRP A 14 4.49 0.35 -9.85
N VAL A 15 4.58 1.63 -10.17
CA VAL A 15 4.70 2.66 -9.13
C VAL A 15 3.46 2.63 -8.26
N LEU A 16 2.28 2.58 -8.88
CA LEU A 16 1.03 2.53 -8.13
C LEU A 16 1.00 1.26 -7.28
N ALA A 17 1.43 0.15 -7.84
CA ALA A 17 1.43 -1.12 -7.10
C ALA A 17 2.29 -1.00 -5.84
N LEU A 18 3.44 -0.35 -5.95
CA LEU A 18 4.32 -0.16 -4.80
C LEU A 18 3.67 0.71 -3.74
N ILE A 19 2.96 1.75 -4.14
CA ILE A 19 2.35 2.65 -3.16
C ILE A 19 1.33 1.92 -2.29
N VAL A 20 0.48 1.11 -2.93
CA VAL A 20 -0.55 0.38 -2.20
C VAL A 20 0.04 -0.67 -1.25
N ILE A 21 1.11 -1.36 -1.66
CA ILE A 21 1.67 -2.40 -0.80
C ILE A 21 2.23 -1.82 0.51
N PHE A 22 2.92 -0.67 0.42
CA PHE A 22 3.47 -0.07 1.63
C PHE A 22 2.37 0.35 2.60
N LEU A 23 1.32 0.96 2.04
CA LEU A 23 0.18 1.41 2.85
C LEU A 23 -0.54 0.22 3.50
N THR A 24 -0.69 -0.84 2.73
CA THR A 24 -1.34 -2.05 3.24
C THR A 24 -0.51 -2.66 4.37
N ILE A 25 0.78 -2.78 4.12
CA ILE A 25 1.72 -3.34 5.09
C ILE A 25 1.82 -2.42 6.32
N ALA A 26 1.87 -1.12 6.06
CA ALA A 26 2.02 -0.13 7.13
C ALA A 26 0.88 -0.24 8.15
N VAL A 27 -0.33 -0.41 7.62
CA VAL A 27 -1.51 -0.52 8.46
C VAL A 27 -1.47 -1.76 9.34
N LEU A 28 -1.09 -2.89 8.77
CA LEU A 28 -1.04 -4.11 9.55
C LEU A 28 -0.01 -3.99 10.68
N LEU A 29 1.16 -3.43 10.39
CA LEU A 29 2.17 -3.29 11.45
C LEU A 29 1.65 -2.36 12.54
N ALA A 30 1.03 -1.26 12.13
CA ALA A 30 0.49 -0.29 13.08
C ALA A 30 -0.72 -0.88 13.83
N LEU A 31 -1.55 -1.67 13.15
CA LEU A 31 -2.72 -2.24 13.83
C LEU A 31 -2.27 -3.11 14.99
N ARG A 32 -1.23 -3.90 14.74
CA ARG A 32 -0.68 -4.80 15.76
C ARG A 32 -0.10 -3.97 16.90
N PHE A 33 0.60 -2.89 16.53
CA PHE A 33 1.21 -2.00 17.52
C PHE A 33 0.14 -1.42 18.43
N CYS A 34 -0.95 -0.95 17.84
CA CYS A 34 -2.05 -0.38 18.59
C CYS A 34 -2.85 -1.50 19.25
N GLY A 35 -2.76 -2.69 18.67
CA GLY A 35 -3.45 -3.85 19.22
C GLY A 35 -2.87 -4.20 20.59
N ILE A 36 -1.56 -4.03 20.71
CA ILE A 36 -0.87 -4.33 21.97
C ILE A 36 -1.22 -3.29 23.02
N TYR A 37 -2.02 -2.29 22.65
CA TYR A 37 -2.45 -1.28 23.60
C TYR A 37 -3.93 -1.48 23.94
N GLY A 38 -4.55 -2.48 23.33
CA GLY A 38 -5.95 -2.77 23.59
C GLY A 38 -6.85 -1.87 22.74
N TYR A 39 -6.28 -1.24 21.73
CA TYR A 39 -7.04 -0.35 20.86
C TYR A 39 -8.00 -1.15 19.99
N ARG A 40 -9.25 -0.72 19.95
CA ARG A 40 -10.27 -1.41 19.15
C ARG A 40 -11.07 -0.40 18.33
N LEU A 41 -11.51 -0.82 17.14
CA LEU A 41 -12.29 0.05 16.27
C LEU A 41 -13.71 0.20 16.80
N ARG A 42 -14.24 1.41 16.70
CA ARG A 42 -15.60 1.69 17.16
C ARG A 42 -16.44 2.29 16.04
N ARG A 43 -17.64 1.76 15.85
CA ARG A 43 -18.53 2.26 14.80
C ARG A 43 -19.39 3.40 15.34
N LYS A 44 -19.59 4.42 14.51
CA LYS A 44 -20.41 5.56 14.91
C LYS A 44 -21.86 5.36 14.51
N GLY A 1 4.49 -2.71 -32.81
CA GLY A 1 5.06 -3.38 -31.61
C GLY A 1 5.29 -2.34 -30.52
N LYS A 2 6.51 -1.81 -30.44
CA LYS A 2 6.85 -0.81 -29.44
C LYS A 2 6.01 0.45 -29.64
N ARG A 3 5.88 0.87 -30.89
CA ARG A 3 5.10 2.06 -31.21
C ARG A 3 3.63 1.85 -30.89
N SER A 4 3.14 0.64 -31.17
CA SER A 4 1.73 0.31 -30.92
C SER A 4 1.38 0.43 -29.45
N TRP A 5 2.25 -0.07 -28.58
CA TRP A 5 2.01 -0.02 -27.13
C TRP A 5 2.93 0.98 -26.45
N ASP A 6 2.38 1.70 -25.47
CA ASP A 6 3.15 2.70 -24.74
C ASP A 6 3.73 2.10 -23.46
N THR A 7 5.05 1.95 -23.43
CA THR A 7 5.73 1.39 -22.27
C THR A 7 5.66 2.37 -21.09
N GLU A 8 5.37 3.64 -21.38
CA GLU A 8 5.28 4.63 -20.32
C GLU A 8 4.16 4.25 -19.35
N SER A 9 3.09 3.66 -19.88
CA SER A 9 1.98 3.24 -19.04
C SER A 9 2.42 2.09 -18.12
N VAL A 10 3.31 1.24 -18.62
CA VAL A 10 3.79 0.10 -17.84
C VAL A 10 4.57 0.57 -16.60
N LEU A 11 5.43 1.57 -16.78
CA LEU A 11 6.22 2.06 -15.65
C LEU A 11 5.32 2.63 -14.56
N ALA A 12 4.30 3.36 -14.97
CA ALA A 12 3.37 3.97 -14.02
C ALA A 12 2.64 2.92 -13.17
N MET A 13 2.33 1.78 -13.75
CA MET A 13 1.60 0.73 -13.03
C MET A 13 2.37 0.19 -11.81
N TRP A 14 3.68 -0.05 -11.91
CA TRP A 14 4.38 -0.58 -10.74
C TRP A 14 4.42 0.46 -9.63
N VAL A 15 4.44 1.74 -9.96
CA VAL A 15 4.46 2.77 -8.92
C VAL A 15 3.19 2.66 -8.09
N LEU A 16 2.05 2.52 -8.74
CA LEU A 16 0.80 2.40 -8.01
C LEU A 16 0.83 1.12 -7.16
N ALA A 17 1.35 0.03 -7.72
CA ALA A 17 1.40 -1.23 -6.99
C ALA A 17 2.26 -1.10 -5.72
N LEU A 18 3.42 -0.46 -5.85
CA LEU A 18 4.31 -0.26 -4.70
C LEU A 18 3.65 0.62 -3.65
N ILE A 19 2.94 1.66 -4.07
CA ILE A 19 2.30 2.54 -3.11
C ILE A 19 1.28 1.78 -2.26
N VAL A 20 0.50 0.96 -2.94
CA VAL A 20 -0.52 0.16 -2.27
C VAL A 20 0.12 -0.81 -1.29
N ILE A 21 1.24 -1.45 -1.69
CA ILE A 21 1.89 -2.42 -0.82
C ILE A 21 2.40 -1.77 0.47
N PHE A 22 3.06 -0.63 0.35
CA PHE A 22 3.57 0.04 1.55
C PHE A 22 2.42 0.43 2.48
N LEU A 23 1.36 0.99 1.92
CA LEU A 23 0.20 1.40 2.71
C LEU A 23 -0.46 0.18 3.36
N THR A 24 -0.55 -0.90 2.59
CA THR A 24 -1.13 -2.13 3.12
C THR A 24 -0.29 -2.66 4.27
N ILE A 25 1.02 -2.70 4.06
CA ILE A 25 1.95 -3.18 5.07
C ILE A 25 1.98 -2.25 6.28
N ALA A 26 1.90 -0.95 5.99
CA ALA A 26 1.96 0.06 7.04
C ALA A 26 0.81 -0.14 8.03
N VAL A 27 -0.37 -0.41 7.50
CA VAL A 27 -1.57 -0.58 8.32
C VAL A 27 -1.45 -1.80 9.22
N LEU A 28 -0.98 -2.91 8.68
CA LEU A 28 -0.83 -4.12 9.47
C LEU A 28 0.15 -3.92 10.62
N LEU A 29 1.28 -3.27 10.36
CA LEU A 29 2.25 -3.04 11.44
C LEU A 29 1.62 -2.16 12.52
N ALA A 30 0.93 -1.12 12.08
CA ALA A 30 0.26 -0.20 13.00
C ALA A 30 -0.91 -0.89 13.71
N LEU A 31 -1.64 -1.75 13.03
CA LEU A 31 -2.78 -2.42 13.65
C LEU A 31 -2.28 -3.27 14.83
N ARG A 32 -1.17 -3.96 14.61
CA ARG A 32 -0.59 -4.81 15.64
C ARG A 32 -0.18 -3.97 16.84
N PHE A 33 0.42 -2.81 16.57
CA PHE A 33 0.86 -1.92 17.63
C PHE A 33 -0.34 -1.49 18.48
N CYS A 34 -1.41 -1.11 17.81
CA CYS A 34 -2.64 -0.71 18.48
C CYS A 34 -3.32 -1.92 19.11
N GLY A 35 -3.08 -3.08 18.53
CA GLY A 35 -3.67 -4.32 19.05
C GLY A 35 -3.11 -4.66 20.42
N ILE A 36 -1.81 -4.48 20.59
CA ILE A 36 -1.15 -4.79 21.86
C ILE A 36 -1.16 -3.58 22.79
N TYR A 37 -1.74 -2.47 22.33
CA TYR A 37 -1.83 -1.27 23.15
C TYR A 37 -3.25 -1.10 23.69
N GLY A 38 -4.16 -1.95 23.23
CA GLY A 38 -5.55 -1.87 23.68
C GLY A 38 -6.30 -0.78 22.92
N TYR A 39 -5.79 -0.40 21.76
CA TYR A 39 -6.42 0.64 20.95
C TYR A 39 -6.75 1.86 21.82
N ARG A 40 -8.03 2.00 22.18
CA ARG A 40 -8.46 3.12 23.01
C ARG A 40 -9.15 2.60 24.27
N LEU A 41 -8.72 3.12 25.41
CA LEU A 41 -9.30 2.72 26.70
C LEU A 41 -10.08 3.88 27.32
N ARG A 42 -11.30 3.60 27.75
CA ARG A 42 -12.13 4.63 28.36
C ARG A 42 -11.51 5.10 29.68
N ARG A 43 -10.92 4.17 30.42
CA ARG A 43 -10.29 4.52 31.69
C ARG A 43 -9.02 5.34 31.45
N LYS A 44 -8.76 6.28 32.34
CA LYS A 44 -7.57 7.12 32.21
C LYS A 44 -6.41 6.54 33.01
N GLY A 1 5.24 5.75 -29.24
CA GLY A 1 5.14 6.25 -30.64
C GLY A 1 5.59 5.17 -31.61
N LYS A 2 6.91 5.02 -31.74
CA LYS A 2 7.46 4.01 -32.64
C LYS A 2 7.07 2.62 -32.19
N ARG A 3 7.13 2.38 -30.89
CA ARG A 3 6.77 1.07 -30.34
C ARG A 3 5.25 0.88 -30.34
N SER A 4 4.81 -0.34 -30.60
CA SER A 4 3.38 -0.64 -30.63
C SER A 4 2.77 -0.42 -29.25
N TRP A 5 3.54 -0.72 -28.21
CA TRP A 5 3.05 -0.55 -26.83
C TRP A 5 3.77 0.61 -26.16
N ASP A 6 3.05 1.35 -25.31
CA ASP A 6 3.64 2.48 -24.61
C ASP A 6 4.22 2.04 -23.27
N THR A 7 5.54 2.06 -23.17
CA THR A 7 6.23 1.66 -21.95
C THR A 7 5.96 2.65 -20.82
N GLU A 8 5.51 3.85 -21.19
CA GLU A 8 5.23 4.86 -20.19
C GLU A 8 4.09 4.39 -19.28
N SER A 9 3.11 3.73 -19.89
CA SER A 9 1.97 3.18 -19.15
C SER A 9 2.45 2.08 -18.21
N VAL A 10 3.38 1.27 -18.69
CA VAL A 10 3.92 0.18 -17.89
C VAL A 10 4.64 0.71 -16.67
N LEU A 11 5.44 1.75 -16.85
CA LEU A 11 6.20 2.32 -15.74
C LEU A 11 5.24 2.82 -14.66
N ALA A 12 4.18 3.48 -15.10
CA ALA A 12 3.19 4.03 -14.18
C ALA A 12 2.52 2.94 -13.34
N MET A 13 2.27 1.77 -13.95
CA MET A 13 1.59 0.67 -13.25
C MET A 13 2.38 0.13 -12.06
N TRP A 14 3.69 -0.07 -12.17
CA TRP A 14 4.42 -0.61 -11.02
C TRP A 14 4.44 0.41 -9.90
N VAL A 15 4.44 1.71 -10.22
CA VAL A 15 4.45 2.73 -9.17
C VAL A 15 3.20 2.60 -8.33
N LEU A 16 2.05 2.44 -8.96
CA LEU A 16 0.80 2.29 -8.24
C LEU A 16 0.85 1.02 -7.38
N ALA A 17 1.36 -0.06 -7.95
CA ALA A 17 1.45 -1.33 -7.22
C ALA A 17 2.29 -1.19 -5.96
N LEU A 18 3.44 -0.53 -6.08
CA LEU A 18 4.33 -0.32 -4.94
C LEU A 18 3.67 0.56 -3.87
N ILE A 19 2.95 1.59 -4.29
CA ILE A 19 2.32 2.49 -3.31
C ILE A 19 1.29 1.76 -2.44
N VAL A 20 0.45 0.93 -3.06
CA VAL A 20 -0.57 0.20 -2.30
C VAL A 20 0.08 -0.79 -1.32
N ILE A 21 1.20 -1.39 -1.72
CA ILE A 21 1.89 -2.35 -0.83
C ILE A 21 2.38 -1.68 0.46
N PHE A 22 2.98 -0.51 0.36
CA PHE A 22 3.47 0.17 1.56
C PHE A 22 2.32 0.49 2.53
N LEU A 23 1.26 1.06 2.01
CA LEU A 23 0.11 1.37 2.85
C LEU A 23 -0.53 0.11 3.46
N THR A 24 -0.63 -0.92 2.64
CA THR A 24 -1.22 -2.17 3.12
C THR A 24 -0.39 -2.75 4.28
N ILE A 25 0.92 -2.81 4.07
CA ILE A 25 1.85 -3.31 5.08
C ILE A 25 1.86 -2.39 6.30
N ALA A 26 1.80 -1.08 6.05
CA ALA A 26 1.85 -0.12 7.14
C ALA A 26 0.70 -0.34 8.12
N VAL A 27 -0.49 -0.58 7.58
CA VAL A 27 -1.68 -0.77 8.40
C VAL A 27 -1.56 -1.98 9.33
N LEU A 28 -1.14 -3.12 8.78
CA LEU A 28 -1.01 -4.33 9.61
C LEU A 28 0.02 -4.14 10.72
N LEU A 29 1.16 -3.52 10.43
CA LEU A 29 2.16 -3.33 11.47
C LEU A 29 1.61 -2.41 12.56
N ALA A 30 0.93 -1.35 12.15
CA ALA A 30 0.33 -0.40 13.09
C ALA A 30 -0.84 -1.03 13.83
N LEU A 31 -1.64 -1.87 13.16
CA LEU A 31 -2.78 -2.48 13.84
C LEU A 31 -2.30 -3.34 15.01
N ARG A 32 -1.24 -4.09 14.74
CA ARG A 32 -0.65 -4.96 15.76
C ARG A 32 -0.13 -4.11 16.92
N PHE A 33 0.53 -3.02 16.59
CA PHE A 33 1.08 -2.11 17.59
C PHE A 33 -0.02 -1.55 18.46
N CYS A 34 -1.10 -1.12 17.83
CA CYS A 34 -2.25 -0.57 18.54
C CYS A 34 -3.03 -1.68 19.22
N GLY A 35 -2.93 -2.89 18.69
CA GLY A 35 -3.63 -4.03 19.26
C GLY A 35 -3.12 -4.33 20.67
N ILE A 36 -1.80 -4.26 20.83
CA ILE A 36 -1.17 -4.52 22.12
C ILE A 36 -1.23 -3.25 22.98
N TYR A 37 -1.81 -2.20 22.42
CA TYR A 37 -1.96 -0.94 23.14
C TYR A 37 -3.34 -0.87 23.77
N GLY A 38 -4.20 -1.81 23.41
CA GLY A 38 -5.56 -1.84 23.95
C GLY A 38 -6.48 -0.94 23.13
N TYR A 39 -6.08 -0.67 21.90
CA TYR A 39 -6.88 0.18 21.02
C TYR A 39 -8.16 -0.56 20.62
N ARG A 40 -9.30 0.13 20.76
CA ARG A 40 -10.61 -0.45 20.42
C ARG A 40 -10.62 -1.97 20.54
N LEU A 41 -11.07 -2.45 21.70
CA LEU A 41 -11.13 -3.89 21.94
C LEU A 41 -12.34 -4.50 21.23
N ARG A 42 -12.15 -5.69 20.67
CA ARG A 42 -13.22 -6.37 19.96
C ARG A 42 -14.36 -6.70 20.91
N ARG A 43 -14.01 -7.12 22.13
CA ARG A 43 -15.01 -7.47 23.13
C ARG A 43 -15.27 -6.28 24.06
N LYS A 44 -16.55 -6.05 24.36
CA LYS A 44 -16.91 -4.93 25.24
C LYS A 44 -18.31 -5.15 25.81
N GLY A 1 17.43 4.99 -27.74
CA GLY A 1 17.87 5.47 -26.40
C GLY A 1 16.72 6.16 -25.69
N LYS A 2 15.50 5.96 -26.21
CA LYS A 2 14.31 6.57 -25.62
C LYS A 2 13.26 5.51 -25.33
N ARG A 3 12.51 5.71 -24.25
CA ARG A 3 11.47 4.75 -23.87
C ARG A 3 10.25 4.92 -24.77
N SER A 4 9.60 3.80 -25.09
CA SER A 4 8.42 3.82 -25.95
C SER A 4 7.21 4.35 -25.19
N TRP A 5 6.22 4.83 -25.93
CA TRP A 5 5.01 5.35 -25.31
C TRP A 5 4.30 4.26 -24.51
N ASP A 6 4.28 3.04 -25.05
CA ASP A 6 3.62 1.93 -24.37
C ASP A 6 4.30 1.63 -23.04
N THR A 7 5.62 1.70 -23.00
CA THR A 7 6.36 1.42 -21.77
C THR A 7 6.07 2.45 -20.69
N GLU A 8 5.61 3.63 -21.09
CA GLU A 8 5.30 4.66 -20.12
C GLU A 8 4.14 4.21 -19.23
N SER A 9 3.15 3.60 -19.86
CA SER A 9 2.00 3.08 -19.14
C SER A 9 2.44 1.96 -18.20
N VAL A 10 3.34 1.12 -18.69
CA VAL A 10 3.83 0.00 -17.89
C VAL A 10 4.61 0.51 -16.68
N LEU A 11 5.45 1.51 -16.89
CA LEU A 11 6.27 2.05 -15.80
C LEU A 11 5.37 2.63 -14.71
N ALA A 12 4.33 3.34 -15.13
CA ALA A 12 3.40 3.96 -14.18
C ALA A 12 2.67 2.92 -13.32
N MET A 13 2.34 1.76 -13.88
CA MET A 13 1.60 0.74 -13.14
C MET A 13 2.37 0.20 -11.93
N TRP A 14 3.68 -0.05 -12.04
CA TRP A 14 4.38 -0.59 -10.87
C TRP A 14 4.41 0.45 -9.75
N VAL A 15 4.43 1.74 -10.07
CA VAL A 15 4.44 2.76 -9.03
C VAL A 15 3.18 2.66 -8.18
N LEU A 16 2.03 2.53 -8.82
CA LEU A 16 0.77 2.41 -8.07
C LEU A 16 0.79 1.14 -7.22
N ALA A 17 1.30 0.06 -7.78
CA ALA A 17 1.34 -1.20 -7.04
C ALA A 17 2.21 -1.07 -5.75
N LEU A 18 3.36 -0.39 -5.87
CA LEU A 18 4.24 -0.18 -4.71
C LEU A 18 3.54 0.69 -3.65
N ILE A 19 2.73 1.67 -4.09
CA ILE A 19 2.04 2.57 -3.13
C ILE A 19 1.05 1.75 -2.27
N VAL A 20 0.35 0.85 -2.96
CA VAL A 20 -0.63 0.00 -2.31
C VAL A 20 0.07 -0.91 -1.33
N ILE A 21 1.21 -1.47 -1.72
CA ILE A 21 1.94 -2.38 -0.84
C ILE A 21 2.39 -1.69 0.46
N PHE A 22 2.95 -0.49 0.36
CA PHE A 22 3.40 0.21 1.57
C PHE A 22 2.22 0.53 2.49
N LEU A 23 1.13 0.99 1.90
CA LEU A 23 -0.05 1.32 2.67
C LEU A 23 -0.62 0.07 3.34
N THR A 24 -0.64 -1.02 2.60
CA THR A 24 -1.16 -2.28 3.14
C THR A 24 -0.29 -2.74 4.31
N ILE A 25 1.01 -2.73 4.09
CA ILE A 25 1.98 -3.12 5.12
C ILE A 25 1.93 -2.17 6.30
N ALA A 26 1.86 -0.88 6.00
CA ALA A 26 1.85 0.14 7.05
C ALA A 26 0.70 -0.07 8.03
N VAL A 27 -0.47 -0.34 7.47
CA VAL A 27 -1.67 -0.55 8.28
C VAL A 27 -1.54 -1.75 9.20
N LEU A 28 -1.04 -2.87 8.68
CA LEU A 28 -0.90 -4.07 9.49
C LEU A 28 0.07 -3.84 10.64
N LEU A 29 1.19 -3.18 10.38
CA LEU A 29 2.16 -2.93 11.44
C LEU A 29 1.52 -2.04 12.51
N ALA A 30 0.81 -1.01 12.07
CA ALA A 30 0.14 -0.10 13.00
C ALA A 30 -1.02 -0.79 13.71
N LEU A 31 -1.76 -1.66 13.02
CA LEU A 31 -2.88 -2.35 13.65
C LEU A 31 -2.39 -3.18 14.83
N ARG A 32 -1.28 -3.87 14.60
CA ARG A 32 -0.68 -4.73 15.62
C ARG A 32 -0.27 -3.89 16.83
N PHE A 33 0.34 -2.73 16.56
CA PHE A 33 0.78 -1.85 17.63
C PHE A 33 -0.40 -1.43 18.50
N CYS A 34 -1.47 -1.01 17.85
CA CYS A 34 -2.68 -0.60 18.57
C CYS A 34 -3.35 -1.83 19.18
N GLY A 35 -3.11 -2.98 18.57
CA GLY A 35 -3.68 -4.24 19.05
C GLY A 35 -3.05 -4.69 20.36
N ILE A 36 -1.73 -4.57 20.48
CA ILE A 36 -1.02 -5.01 21.68
C ILE A 36 -0.94 -3.91 22.75
N TYR A 37 -1.43 -2.71 22.44
CA TYR A 37 -1.44 -1.63 23.42
C TYR A 37 -2.87 -1.33 23.89
N GLY A 38 -3.82 -2.12 23.40
CA GLY A 38 -5.21 -1.93 23.79
C GLY A 38 -5.82 -0.72 23.09
N TYR A 39 -5.24 -0.34 21.96
CA TYR A 39 -5.74 0.81 21.20
C TYR A 39 -5.72 2.07 22.05
N ARG A 40 -5.31 3.18 21.44
CA ARG A 40 -5.23 4.45 22.15
C ARG A 40 -6.62 4.86 22.63
N LEU A 41 -7.62 4.71 21.77
CA LEU A 41 -8.99 5.09 22.12
C LEU A 41 -9.86 3.83 22.29
N ARG A 42 -10.55 3.76 23.42
CA ARG A 42 -11.42 2.62 23.70
C ARG A 42 -12.64 2.64 22.78
N ARG A 43 -12.97 1.47 22.21
CA ARG A 43 -14.10 1.37 21.31
C ARG A 43 -15.01 0.22 21.74
N LYS A 44 -16.32 0.40 21.54
CA LYS A 44 -17.28 -0.63 21.91
C LYS A 44 -17.49 -1.60 20.75
N GLY A 1 -0.21 -2.14 -41.08
CA GLY A 1 -0.97 -2.94 -40.07
C GLY A 1 -0.04 -3.31 -38.92
N LYS A 2 0.45 -2.30 -38.22
CA LYS A 2 1.36 -2.51 -37.10
C LYS A 2 0.85 -1.77 -35.87
N ARG A 3 1.07 -2.37 -34.69
CA ARG A 3 0.64 -1.77 -33.44
C ARG A 3 1.78 -1.71 -32.44
N SER A 4 1.81 -0.68 -31.61
CA SER A 4 2.86 -0.51 -30.61
C SER A 4 2.26 -0.23 -29.24
N TRP A 5 2.99 -0.60 -28.19
CA TRP A 5 2.53 -0.39 -26.83
C TRP A 5 3.37 0.68 -26.15
N ASP A 6 2.74 1.46 -25.28
CA ASP A 6 3.44 2.53 -24.57
C ASP A 6 4.02 2.01 -23.25
N THR A 7 5.34 1.94 -23.19
CA THR A 7 6.02 1.46 -21.98
C THR A 7 5.84 2.46 -20.85
N GLU A 8 5.47 3.69 -21.19
CA GLU A 8 5.25 4.71 -20.17
C GLU A 8 4.10 4.29 -19.27
N SER A 9 3.07 3.71 -19.88
CA SER A 9 1.91 3.23 -19.13
C SER A 9 2.34 2.10 -18.19
N VAL A 10 3.21 1.23 -18.69
CA VAL A 10 3.70 0.11 -17.90
C VAL A 10 4.50 0.58 -16.70
N LEU A 11 5.36 1.56 -16.92
CA LEU A 11 6.21 2.10 -15.85
C LEU A 11 5.34 2.68 -14.73
N ALA A 12 4.30 3.40 -15.13
CA ALA A 12 3.40 4.02 -14.16
C ALA A 12 2.68 2.98 -13.29
N MET A 13 2.38 1.82 -13.85
CA MET A 13 1.66 0.78 -13.12
C MET A 13 2.43 0.24 -11.91
N TRP A 14 3.75 0.00 -12.02
CA TRP A 14 4.47 -0.53 -10.86
C TRP A 14 4.52 0.51 -9.75
N VAL A 15 4.52 1.80 -10.09
CA VAL A 15 4.53 2.84 -9.05
C VAL A 15 3.27 2.73 -8.20
N LEU A 16 2.12 2.58 -8.86
CA LEU A 16 0.88 2.45 -8.13
C LEU A 16 0.90 1.19 -7.26
N ALA A 17 1.42 0.10 -7.81
CA ALA A 17 1.49 -1.15 -7.07
C ALA A 17 2.32 -0.99 -5.79
N LEU A 18 3.45 -0.29 -5.87
CA LEU A 18 4.29 -0.06 -4.70
C LEU A 18 3.56 0.79 -3.66
N ILE A 19 2.77 1.76 -4.11
CA ILE A 19 2.06 2.63 -3.17
C ILE A 19 1.08 1.81 -2.32
N VAL A 20 0.37 0.91 -2.98
CA VAL A 20 -0.59 0.05 -2.29
C VAL A 20 0.13 -0.87 -1.30
N ILE A 21 1.28 -1.39 -1.67
CA ILE A 21 2.00 -2.32 -0.80
C ILE A 21 2.42 -1.63 0.50
N PHE A 22 2.94 -0.42 0.40
CA PHE A 22 3.37 0.32 1.59
C PHE A 22 2.18 0.55 2.54
N LEU A 23 1.06 0.96 1.98
CA LEU A 23 -0.13 1.22 2.79
C LEU A 23 -0.68 -0.07 3.44
N THR A 24 -0.67 -1.15 2.66
CA THR A 24 -1.17 -2.43 3.16
C THR A 24 -0.32 -2.96 4.32
N ILE A 25 0.99 -2.98 4.10
CA ILE A 25 1.92 -3.48 5.12
C ILE A 25 1.97 -2.53 6.32
N ALA A 26 1.92 -1.23 6.02
CA ALA A 26 1.99 -0.23 7.07
C ALA A 26 0.85 -0.40 8.07
N VAL A 27 -0.35 -0.65 7.53
CA VAL A 27 -1.54 -0.83 8.34
C VAL A 27 -1.41 -2.03 9.26
N LEU A 28 -0.95 -3.16 8.70
CA LEU A 28 -0.81 -4.37 9.50
C LEU A 28 0.18 -4.16 10.64
N LEU A 29 1.31 -3.51 10.37
CA LEU A 29 2.27 -3.28 11.44
C LEU A 29 1.66 -2.38 12.51
N ALA A 30 0.97 -1.33 12.06
CA ALA A 30 0.33 -0.39 12.97
C ALA A 30 -0.87 -0.99 13.71
N LEU A 31 -1.68 -1.81 13.06
CA LEU A 31 -2.86 -2.37 13.73
C LEU A 31 -2.39 -3.24 14.90
N ARG A 32 -1.31 -3.99 14.68
CA ARG A 32 -0.74 -4.85 15.71
C ARG A 32 -0.25 -3.99 16.87
N PHE A 33 0.40 -2.88 16.53
CA PHE A 33 0.92 -1.97 17.55
C PHE A 33 -0.22 -1.45 18.42
N CYS A 34 -1.31 -1.05 17.78
CA CYS A 34 -2.48 -0.57 18.49
C CYS A 34 -3.22 -1.73 19.15
N GLY A 35 -3.05 -2.92 18.59
CA GLY A 35 -3.70 -4.11 19.13
C GLY A 35 -3.15 -4.46 20.51
N ILE A 36 -1.84 -4.31 20.67
CA ILE A 36 -1.17 -4.62 21.93
C ILE A 36 -1.16 -3.40 22.85
N TYR A 37 -1.72 -2.29 22.37
CA TYR A 37 -1.77 -1.07 23.15
C TYR A 37 -3.18 -0.89 23.74
N GLY A 38 -4.10 -1.76 23.32
CA GLY A 38 -5.47 -1.70 23.80
C GLY A 38 -6.29 -0.68 23.01
N TYR A 39 -5.80 -0.32 21.82
CA TYR A 39 -6.48 0.65 20.97
C TYR A 39 -6.71 1.97 21.71
N ARG A 40 -6.83 3.04 20.95
CA ARG A 40 -7.05 4.36 21.54
C ARG A 40 -8.38 4.41 22.28
N LEU A 41 -9.39 3.77 21.69
CA LEU A 41 -10.72 3.74 22.29
C LEU A 41 -10.73 2.81 23.50
N ARG A 42 -11.46 3.20 24.54
CA ARG A 42 -11.55 2.38 25.74
C ARG A 42 -12.23 1.06 25.45
N ARG A 43 -13.27 1.10 24.63
CA ARG A 43 -14.01 -0.10 24.27
C ARG A 43 -13.22 -0.93 23.26
N LYS A 44 -13.32 -2.26 23.40
CA LYS A 44 -12.61 -3.16 22.50
C LYS A 44 -13.19 -3.10 21.10
N GLY A 1 11.53 -0.15 -23.94
CA GLY A 1 10.86 0.72 -24.94
C GLY A 1 10.82 2.15 -24.42
N LYS A 2 11.99 2.71 -24.11
CA LYS A 2 12.07 4.07 -23.61
C LYS A 2 11.54 5.06 -24.65
N ARG A 3 11.90 4.82 -25.91
CA ARG A 3 11.46 5.70 -27.00
C ARG A 3 9.95 5.65 -27.14
N SER A 4 9.38 4.44 -27.00
CA SER A 4 7.93 4.28 -27.12
C SER A 4 7.21 4.80 -25.90
N TRP A 5 5.94 5.13 -26.07
CA TRP A 5 5.14 5.64 -24.96
C TRP A 5 4.41 4.51 -24.25
N ASP A 6 4.47 3.31 -24.84
CA ASP A 6 3.74 2.19 -24.27
C ASP A 6 4.33 1.83 -22.91
N THR A 7 5.66 1.88 -22.81
CA THR A 7 6.34 1.54 -21.56
C THR A 7 5.98 2.54 -20.44
N GLU A 8 5.60 3.76 -20.84
CA GLU A 8 5.27 4.77 -19.83
C GLU A 8 4.12 4.27 -18.97
N SER A 9 3.17 3.58 -19.60
CA SER A 9 2.03 3.03 -18.86
C SER A 9 2.48 1.94 -17.90
N VAL A 10 3.44 1.16 -18.35
CA VAL A 10 3.98 0.08 -17.53
C VAL A 10 4.65 0.65 -16.28
N LEU A 11 5.43 1.70 -16.47
CA LEU A 11 6.14 2.34 -15.34
C LEU A 11 5.15 2.84 -14.31
N ALA A 12 4.09 3.49 -14.80
CA ALA A 12 3.07 4.06 -13.92
C ALA A 12 2.33 3.00 -13.11
N MET A 13 1.97 1.87 -13.75
CA MET A 13 1.22 0.83 -13.05
C MET A 13 1.99 0.17 -11.90
N TRP A 14 3.28 -0.17 -12.09
CA TRP A 14 4.01 -0.80 -10.99
C TRP A 14 4.26 0.20 -9.85
N VAL A 15 4.43 1.48 -10.15
CA VAL A 15 4.63 2.45 -9.08
C VAL A 15 3.38 2.48 -8.20
N LEU A 16 2.21 2.52 -8.82
CA LEU A 16 0.97 2.56 -8.06
C LEU A 16 0.82 1.28 -7.22
N ALA A 17 1.17 0.14 -7.79
CA ALA A 17 1.06 -1.12 -7.06
C ALA A 17 1.96 -1.11 -5.83
N LEU A 18 3.18 -0.61 -5.99
CA LEU A 18 4.12 -0.53 -4.87
C LEU A 18 3.59 0.40 -3.78
N ILE A 19 2.96 1.52 -4.17
CA ILE A 19 2.44 2.45 -3.18
C ILE A 19 1.38 1.77 -2.33
N VAL A 20 0.52 1.01 -3.00
CA VAL A 20 -0.56 0.29 -2.31
C VAL A 20 0.02 -0.74 -1.35
N ILE A 21 1.04 -1.47 -1.77
CA ILE A 21 1.63 -2.50 -0.90
C ILE A 21 2.23 -1.88 0.36
N PHE A 22 2.97 -0.78 0.22
CA PHE A 22 3.58 -0.16 1.41
C PHE A 22 2.49 0.29 2.39
N LEU A 23 1.44 0.92 1.86
CA LEU A 23 0.34 1.37 2.70
C LEU A 23 -0.37 0.20 3.36
N THR A 24 -0.57 -0.87 2.58
CA THR A 24 -1.24 -2.04 3.12
C THR A 24 -0.42 -2.66 4.25
N ILE A 25 0.87 -2.83 3.99
CA ILE A 25 1.79 -3.39 4.99
C ILE A 25 1.90 -2.47 6.20
N ALA A 26 2.00 -1.18 5.93
CA ALA A 26 2.14 -0.20 7.01
C ALA A 26 0.99 -0.30 8.00
N VAL A 27 -0.21 -0.47 7.46
CA VAL A 27 -1.42 -0.56 8.28
C VAL A 27 -1.38 -1.78 9.19
N LEU A 28 -1.02 -2.94 8.66
CA LEU A 28 -0.98 -4.14 9.50
C LEU A 28 0.04 -4.00 10.61
N LEU A 29 1.23 -3.45 10.32
CA LEU A 29 2.23 -3.30 11.37
C LEU A 29 1.70 -2.35 12.44
N ALA A 30 1.09 -1.26 12.00
CA ALA A 30 0.53 -0.27 12.93
C ALA A 30 -0.68 -0.85 13.67
N LEU A 31 -1.51 -1.64 13.00
CA LEU A 31 -2.68 -2.19 13.66
C LEU A 31 -2.24 -3.05 14.84
N ARG A 32 -1.21 -3.86 14.61
CA ARG A 32 -0.67 -4.73 15.66
C ARG A 32 -0.07 -3.88 16.77
N PHE A 33 0.63 -2.82 16.37
CA PHE A 33 1.24 -1.92 17.32
C PHE A 33 0.19 -1.31 18.24
N CYS A 34 -0.92 -0.85 17.66
CA CYS A 34 -1.99 -0.26 18.42
C CYS A 34 -2.82 -1.37 19.07
N GLY A 35 -2.74 -2.57 18.49
CA GLY A 35 -3.46 -3.71 19.00
C GLY A 35 -2.92 -4.10 20.37
N ILE A 36 -1.60 -4.04 20.51
CA ILE A 36 -0.96 -4.38 21.78
C ILE A 36 -1.21 -3.31 22.83
N TYR A 37 -1.93 -2.25 22.44
CA TYR A 37 -2.29 -1.20 23.39
C TYR A 37 -3.77 -1.31 23.74
N GLY A 38 -4.44 -2.30 23.15
CA GLY A 38 -5.86 -2.52 23.41
C GLY A 38 -6.76 -1.70 22.49
N TYR A 39 -6.17 -1.08 21.48
CA TYR A 39 -6.93 -0.27 20.53
C TYR A 39 -6.90 -0.90 19.14
N ARG A 40 -8.05 -0.94 18.48
CA ARG A 40 -8.15 -1.51 17.14
C ARG A 40 -8.80 -0.52 16.18
N LEU A 41 -8.21 -0.38 14.99
CA LEU A 41 -8.72 0.54 13.99
C LEU A 41 -9.31 -0.23 12.81
N ARG A 42 -10.51 0.15 12.40
CA ARG A 42 -11.17 -0.50 11.28
C ARG A 42 -11.62 0.52 10.25
N ARG A 43 -11.58 0.14 8.99
CA ARG A 43 -11.98 1.04 7.91
C ARG A 43 -13.51 1.15 7.85
N LYS A 44 -14.01 2.33 7.51
CA LYS A 44 -15.45 2.55 7.43
C LYS A 44 -15.75 3.74 6.53
N GLY A 1 1.33 5.21 -31.77
CA GLY A 1 0.60 4.20 -32.59
C GLY A 1 -0.38 3.44 -31.70
N LYS A 2 -1.63 3.32 -32.17
CA LYS A 2 -2.65 2.61 -31.42
C LYS A 2 -2.28 1.14 -31.27
N ARG A 3 -1.77 0.57 -32.34
CA ARG A 3 -1.37 -0.84 -32.33
C ARG A 3 -0.22 -1.05 -31.35
N SER A 4 0.69 -0.09 -31.29
CA SER A 4 1.85 -0.20 -30.39
C SER A 4 1.44 0.02 -28.93
N TRP A 5 2.32 -0.39 -28.01
CA TRP A 5 2.05 -0.26 -26.58
C TRP A 5 2.98 0.78 -25.95
N ASP A 6 2.45 1.54 -24.99
CA ASP A 6 3.24 2.58 -24.34
C ASP A 6 3.90 2.04 -23.07
N THR A 7 5.23 1.96 -23.08
CA THR A 7 5.97 1.47 -21.92
C THR A 7 5.85 2.47 -20.76
N GLU A 8 5.50 3.72 -21.08
CA GLU A 8 5.34 4.73 -20.06
C GLU A 8 4.17 4.38 -19.16
N SER A 9 3.11 3.89 -19.80
CA SER A 9 1.93 3.47 -19.06
C SER A 9 2.29 2.29 -18.16
N VAL A 10 3.11 1.37 -18.69
CA VAL A 10 3.52 0.21 -17.91
C VAL A 10 4.37 0.62 -16.72
N LEU A 11 5.27 1.57 -16.93
CA LEU A 11 6.16 2.04 -15.87
C LEU A 11 5.31 2.63 -14.73
N ALA A 12 4.29 3.39 -15.12
CA ALA A 12 3.40 4.03 -14.15
C ALA A 12 2.70 2.99 -13.28
N MET A 13 2.37 1.83 -13.85
CA MET A 13 1.66 0.80 -13.11
C MET A 13 2.43 0.24 -11.91
N TRP A 14 3.73 -0.01 -12.03
CA TRP A 14 4.44 -0.57 -10.88
C TRP A 14 4.50 0.48 -9.76
N VAL A 15 4.52 1.77 -10.08
CA VAL A 15 4.56 2.79 -9.04
C VAL A 15 3.29 2.69 -8.19
N LEU A 16 2.15 2.56 -8.86
CA LEU A 16 0.87 2.44 -8.14
C LEU A 16 0.87 1.18 -7.28
N ALA A 17 1.40 0.09 -7.82
CA ALA A 17 1.42 -1.16 -7.06
C ALA A 17 2.26 -1.01 -5.79
N LEU A 18 3.40 -0.34 -5.91
CA LEU A 18 4.26 -0.13 -4.73
C LEU A 18 3.56 0.72 -3.68
N ILE A 19 2.82 1.75 -4.10
CA ILE A 19 2.12 2.60 -3.14
C ILE A 19 1.12 1.78 -2.34
N VAL A 20 0.41 0.92 -3.05
CA VAL A 20 -0.59 0.06 -2.43
C VAL A 20 0.08 -0.91 -1.46
N ILE A 21 1.22 -1.48 -1.85
CA ILE A 21 1.93 -2.41 -0.99
C ILE A 21 2.41 -1.74 0.29
N PHE A 22 2.98 -0.53 0.19
CA PHE A 22 3.47 0.15 1.39
C PHE A 22 2.33 0.39 2.38
N LEU A 23 1.21 0.86 1.88
CA LEU A 23 0.05 1.14 2.72
C LEU A 23 -0.51 -0.12 3.39
N THR A 24 -0.54 -1.21 2.62
CA THR A 24 -1.07 -2.46 3.16
C THR A 24 -0.22 -2.97 4.33
N ILE A 25 1.10 -2.97 4.14
CA ILE A 25 1.99 -3.45 5.19
C ILE A 25 1.98 -2.49 6.38
N ALA A 26 1.98 -1.19 6.09
CA ALA A 26 2.00 -0.18 7.13
C ALA A 26 0.85 -0.37 8.12
N VAL A 27 -0.32 -0.63 7.56
CA VAL A 27 -1.53 -0.81 8.35
C VAL A 27 -1.41 -2.04 9.25
N LEU A 28 -0.92 -3.15 8.72
CA LEU A 28 -0.79 -4.37 9.52
C LEU A 28 0.18 -4.14 10.68
N LEU A 29 1.31 -3.47 10.42
CA LEU A 29 2.27 -3.21 11.49
C LEU A 29 1.64 -2.31 12.55
N ALA A 30 0.92 -1.28 12.10
CA ALA A 30 0.25 -0.37 13.03
C ALA A 30 -0.90 -1.08 13.74
N LEU A 31 -1.62 -1.96 13.06
CA LEU A 31 -2.75 -2.64 13.70
C LEU A 31 -2.27 -3.44 14.90
N ARG A 32 -1.14 -4.12 14.72
CA ARG A 32 -0.55 -4.92 15.79
C ARG A 32 -0.15 -4.01 16.95
N PHE A 33 0.44 -2.87 16.60
CA PHE A 33 0.89 -1.91 17.61
C PHE A 33 -0.27 -1.40 18.44
N CYS A 34 -1.37 -1.06 17.79
CA CYS A 34 -2.55 -0.56 18.49
C CYS A 34 -3.29 -1.72 19.15
N GLY A 35 -3.12 -2.92 18.60
CA GLY A 35 -3.76 -4.10 19.17
C GLY A 35 -3.21 -4.40 20.55
N ILE A 36 -1.90 -4.23 20.70
CA ILE A 36 -1.24 -4.48 21.97
C ILE A 36 -1.22 -3.22 22.83
N TYR A 37 -1.78 -2.14 22.29
CA TYR A 37 -1.84 -0.88 23.03
C TYR A 37 -3.22 -0.75 23.68
N GLY A 38 -4.14 -1.65 23.32
CA GLY A 38 -5.48 -1.65 23.89
C GLY A 38 -6.42 -0.71 23.12
N TYR A 39 -6.00 -0.21 21.97
CA TYR A 39 -6.85 0.70 21.19
C TYR A 39 -7.29 0.08 19.86
N ARG A 40 -8.59 0.14 19.62
CA ARG A 40 -9.17 -0.40 18.40
C ARG A 40 -8.68 0.37 17.17
N LEU A 41 -8.56 1.69 17.32
CA LEU A 41 -8.14 2.55 16.21
C LEU A 41 -7.06 1.86 15.38
N ARG A 42 -7.45 1.40 14.19
CA ARG A 42 -6.52 0.73 13.28
C ARG A 42 -5.45 1.70 12.81
N ARG A 43 -5.88 2.91 12.47
CA ARG A 43 -4.97 3.95 11.99
C ARG A 43 -4.74 4.99 13.07
N LYS A 44 -3.49 5.43 13.21
CA LYS A 44 -3.14 6.43 14.22
C LYS A 44 -3.69 6.01 15.58
N GLY A 1 0.53 7.31 -29.99
CA GLY A 1 1.83 6.62 -29.76
C GLY A 1 2.20 5.78 -30.97
N LYS A 2 3.40 6.01 -31.51
CA LYS A 2 3.85 5.28 -32.68
C LYS A 2 3.98 3.79 -32.36
N ARG A 3 4.52 3.49 -31.18
CA ARG A 3 4.69 2.11 -30.76
C ARG A 3 3.35 1.51 -30.34
N SER A 4 3.17 0.22 -30.64
CA SER A 4 1.93 -0.46 -30.29
C SER A 4 1.69 -0.44 -28.79
N TRP A 5 2.76 -0.68 -28.03
CA TRP A 5 2.66 -0.67 -26.56
C TRP A 5 3.42 0.51 -25.97
N ASP A 6 2.80 1.15 -24.98
CA ASP A 6 3.44 2.29 -24.33
C ASP A 6 4.11 1.86 -23.03
N THR A 7 5.44 1.89 -23.01
CA THR A 7 6.17 1.49 -21.81
C THR A 7 5.96 2.51 -20.70
N GLU A 8 5.53 3.71 -21.08
CA GLU A 8 5.26 4.74 -20.09
C GLU A 8 4.10 4.32 -19.20
N SER A 9 3.08 3.74 -19.84
CA SER A 9 1.92 3.24 -19.12
C SER A 9 2.33 2.11 -18.19
N VAL A 10 3.18 1.22 -18.70
CA VAL A 10 3.65 0.08 -17.91
C VAL A 10 4.46 0.55 -16.71
N LEU A 11 5.34 1.52 -16.92
CA LEU A 11 6.20 2.03 -15.84
C LEU A 11 5.33 2.61 -14.72
N ALA A 12 4.32 3.36 -15.11
CA ALA A 12 3.43 3.99 -14.14
C ALA A 12 2.70 2.96 -13.27
N MET A 13 2.36 1.81 -13.84
CA MET A 13 1.62 0.79 -13.10
C MET A 13 2.38 0.22 -11.91
N TRP A 14 3.69 -0.04 -12.03
CA TRP A 14 4.40 -0.60 -10.87
C TRP A 14 4.48 0.44 -9.75
N VAL A 15 4.50 1.72 -10.07
CA VAL A 15 4.55 2.76 -9.03
C VAL A 15 3.29 2.67 -8.19
N LEU A 16 2.14 2.56 -8.84
CA LEU A 16 0.87 2.45 -8.11
C LEU A 16 0.88 1.19 -7.25
N ALA A 17 1.38 0.09 -7.80
CA ALA A 17 1.41 -1.17 -7.07
C ALA A 17 2.24 -1.03 -5.79
N LEU A 18 3.38 -0.36 -5.88
CA LEU A 18 4.24 -0.15 -4.72
C LEU A 18 3.51 0.70 -3.66
N ILE A 19 2.76 1.70 -4.11
CA ILE A 19 2.06 2.57 -3.16
C ILE A 19 1.08 1.77 -2.32
N VAL A 20 0.35 0.87 -2.98
CA VAL A 20 -0.62 0.01 -2.31
C VAL A 20 0.08 -0.90 -1.29
N ILE A 21 1.23 -1.46 -1.67
CA ILE A 21 1.93 -2.38 -0.76
C ILE A 21 2.38 -1.66 0.51
N PHE A 22 2.96 -0.46 0.38
CA PHE A 22 3.40 0.27 1.56
C PHE A 22 2.23 0.57 2.50
N LEU A 23 1.12 1.01 1.94
CA LEU A 23 -0.05 1.32 2.74
C LEU A 23 -0.64 0.06 3.39
N THR A 24 -0.68 -1.02 2.62
CA THR A 24 -1.24 -2.27 3.14
C THR A 24 -0.40 -2.84 4.29
N ILE A 25 0.91 -2.91 4.07
CA ILE A 25 1.82 -3.44 5.10
C ILE A 25 1.92 -2.49 6.28
N ALA A 26 1.93 -1.19 6.00
CA ALA A 26 2.06 -0.20 7.04
C ALA A 26 0.91 -0.31 8.05
N VAL A 27 -0.29 -0.48 7.51
CA VAL A 27 -1.49 -0.59 8.33
C VAL A 27 -1.45 -1.82 9.23
N LEU A 28 -1.06 -2.97 8.68
CA LEU A 28 -1.01 -4.19 9.48
C LEU A 28 0.01 -4.05 10.60
N LEU A 29 1.17 -3.48 10.33
CA LEU A 29 2.17 -3.30 11.38
C LEU A 29 1.63 -2.38 12.47
N ALA A 30 0.99 -1.29 12.05
CA ALA A 30 0.42 -0.34 12.99
C ALA A 30 -0.78 -0.94 13.72
N LEU A 31 -1.59 -1.75 13.04
CA LEU A 31 -2.75 -2.34 13.70
C LEU A 31 -2.30 -3.22 14.87
N ARG A 32 -1.26 -3.99 14.60
CA ARG A 32 -0.68 -4.89 15.60
C ARG A 32 -0.16 -4.07 16.78
N PHE A 33 0.51 -2.98 16.47
CA PHE A 33 1.06 -2.11 17.50
C PHE A 33 -0.04 -1.58 18.41
N CYS A 34 -1.12 -1.08 17.82
CA CYS A 34 -2.25 -0.59 18.59
C CYS A 34 -2.99 -1.75 19.23
N GLY A 35 -2.81 -2.94 18.64
CA GLY A 35 -3.43 -4.14 19.17
C GLY A 35 -2.88 -4.47 20.56
N ILE A 36 -1.61 -4.16 20.77
CA ILE A 36 -0.97 -4.45 22.05
C ILE A 36 -1.13 -3.29 23.03
N TYR A 37 -1.76 -2.20 22.59
CA TYR A 37 -2.01 -1.07 23.48
C TYR A 37 -3.50 -0.96 23.81
N GLY A 38 -4.30 -1.83 23.20
CA GLY A 38 -5.74 -1.85 23.46
C GLY A 38 -6.51 -0.81 22.62
N TYR A 39 -5.88 -0.33 21.55
CA TYR A 39 -6.53 0.66 20.68
C TYR A 39 -6.82 0.07 19.31
N ARG A 40 -7.99 0.39 18.77
CA ARG A 40 -8.39 -0.11 17.47
C ARG A 40 -8.42 -1.64 17.49
N LEU A 41 -8.98 -2.19 18.57
CA LEU A 41 -9.06 -3.64 18.72
C LEU A 41 -9.94 -4.23 17.62
N ARG A 42 -11.05 -3.56 17.33
CA ARG A 42 -11.96 -4.03 16.30
C ARG A 42 -11.79 -3.24 15.02
N ARG A 43 -11.80 -3.92 13.88
CA ARG A 43 -11.65 -3.27 12.59
C ARG A 43 -12.57 -3.89 11.55
N LYS A 44 -12.94 -3.10 10.55
CA LYS A 44 -13.82 -3.58 9.50
C LYS A 44 -15.01 -4.31 10.10
N GLY A 1 9.41 5.30 -23.56
CA GLY A 1 10.70 4.57 -23.67
C GLY A 1 11.21 4.63 -25.10
N LYS A 2 12.52 4.45 -25.26
CA LYS A 2 13.13 4.51 -26.58
C LYS A 2 12.56 3.40 -27.48
N ARG A 3 12.45 2.20 -26.93
CA ARG A 3 11.92 1.07 -27.69
C ARG A 3 10.49 1.34 -28.14
N SER A 4 9.68 1.88 -27.23
CA SER A 4 8.28 2.18 -27.56
C SER A 4 7.73 3.26 -26.63
N TRP A 5 6.64 3.89 -27.06
CA TRP A 5 6.02 4.94 -26.26
C TRP A 5 5.02 4.36 -25.25
N ASP A 6 4.66 3.10 -25.44
CA ASP A 6 3.71 2.46 -24.53
C ASP A 6 4.40 2.07 -23.23
N THR A 7 5.71 2.27 -23.17
CA THR A 7 6.45 1.95 -21.96
C THR A 7 6.08 2.93 -20.85
N GLU A 8 5.50 4.06 -21.24
CA GLU A 8 5.10 5.04 -20.24
C GLU A 8 3.96 4.48 -19.37
N SER A 9 3.02 3.80 -20.02
CA SER A 9 1.88 3.22 -19.31
C SER A 9 2.27 2.05 -18.40
N VAL A 10 3.13 1.16 -18.88
CA VAL A 10 3.51 0.01 -18.06
C VAL A 10 4.33 0.44 -16.85
N LEU A 11 5.20 1.42 -17.03
CA LEU A 11 6.03 1.90 -15.92
C LEU A 11 5.18 2.48 -14.80
N ALA A 12 4.16 3.24 -15.19
CA ALA A 12 3.27 3.88 -14.21
C ALA A 12 2.57 2.84 -13.32
N MET A 13 2.24 1.67 -13.88
CA MET A 13 1.52 0.66 -13.12
C MET A 13 2.31 0.09 -11.91
N TRP A 14 3.61 -0.17 -12.05
CA TRP A 14 4.35 -0.74 -10.90
C TRP A 14 4.50 0.26 -9.77
N VAL A 15 4.69 1.55 -10.04
CA VAL A 15 4.83 2.52 -8.96
C VAL A 15 3.55 2.57 -8.14
N LEU A 16 2.40 2.54 -8.79
CA LEU A 16 1.12 2.56 -8.08
C LEU A 16 1.02 1.30 -7.21
N ALA A 17 1.43 0.16 -7.75
CA ALA A 17 1.37 -1.09 -6.99
C ALA A 17 2.22 -0.98 -5.73
N LEU A 18 3.39 -0.35 -5.85
CA LEU A 18 4.27 -0.17 -4.69
C LEU A 18 3.59 0.70 -3.64
N ILE A 19 2.86 1.72 -4.06
CA ILE A 19 2.21 2.62 -3.11
C ILE A 19 1.19 1.83 -2.26
N VAL A 20 0.44 0.98 -2.95
CA VAL A 20 -0.58 0.16 -2.29
C VAL A 20 0.06 -0.81 -1.28
N ILE A 21 1.16 -1.43 -1.66
CA ILE A 21 1.86 -2.39 -0.79
C ILE A 21 2.35 -1.71 0.49
N PHE A 22 2.92 -0.51 0.39
CA PHE A 22 3.45 0.15 1.58
C PHE A 22 2.32 0.46 2.56
N LEU A 23 1.22 0.99 2.03
CA LEU A 23 0.07 1.31 2.87
C LEU A 23 -0.53 0.04 3.48
N THR A 24 -0.58 -1.02 2.68
CA THR A 24 -1.12 -2.28 3.16
C THR A 24 -0.26 -2.81 4.31
N ILE A 25 1.04 -2.81 4.08
CA ILE A 25 1.99 -3.26 5.09
C ILE A 25 1.96 -2.35 6.31
N ALA A 26 1.91 -1.05 6.07
CA ALA A 26 1.92 -0.09 7.17
C ALA A 26 0.76 -0.33 8.13
N VAL A 27 -0.39 -0.65 7.57
CA VAL A 27 -1.59 -0.88 8.36
C VAL A 27 -1.44 -2.08 9.28
N LEU A 28 -0.92 -3.20 8.76
CA LEU A 28 -0.75 -4.39 9.61
C LEU A 28 0.23 -4.11 10.74
N LEU A 29 1.33 -3.44 10.47
CA LEU A 29 2.28 -3.15 11.54
C LEU A 29 1.63 -2.26 12.60
N ALA A 30 0.90 -1.25 12.15
CA ALA A 30 0.21 -0.35 13.06
C ALA A 30 -0.94 -1.05 13.78
N LEU A 31 -1.65 -1.94 13.10
CA LEU A 31 -2.76 -2.64 13.73
C LEU A 31 -2.26 -3.44 14.93
N ARG A 32 -1.12 -4.11 14.72
CA ARG A 32 -0.51 -4.91 15.78
C ARG A 32 -0.11 -4.02 16.94
N PHE A 33 0.47 -2.86 16.60
CA PHE A 33 0.91 -1.91 17.62
C PHE A 33 -0.28 -1.46 18.46
N CYS A 34 -1.37 -1.12 17.80
CA CYS A 34 -2.59 -0.69 18.46
C CYS A 34 -3.26 -1.88 19.13
N GLY A 35 -3.04 -3.08 18.58
CA GLY A 35 -3.63 -4.28 19.15
C GLY A 35 -3.10 -4.57 20.55
N ILE A 36 -1.79 -4.36 20.73
CA ILE A 36 -1.16 -4.61 22.02
C ILE A 36 -1.20 -3.35 22.90
N TYR A 37 -1.77 -2.27 22.37
CA TYR A 37 -1.88 -1.03 23.14
C TYR A 37 -3.31 -0.83 23.63
N GLY A 38 -4.23 -1.64 23.11
CA GLY A 38 -5.64 -1.54 23.51
C GLY A 38 -6.32 -0.38 22.80
N TYR A 39 -5.74 0.05 21.68
CA TYR A 39 -6.31 1.15 20.91
C TYR A 39 -6.59 2.34 21.83
N ARG A 40 -7.87 2.55 22.16
CA ARG A 40 -8.26 3.66 23.02
C ARG A 40 -8.10 3.26 24.49
N LEU A 41 -7.65 4.21 25.30
CA LEU A 41 -7.46 3.96 26.72
C LEU A 41 -8.80 3.64 27.39
N ARG A 42 -9.83 4.39 27.01
CA ARG A 42 -11.15 4.18 27.59
C ARG A 42 -11.72 2.84 27.14
N ARG A 43 -12.29 2.10 28.08
CA ARG A 43 -12.87 0.80 27.78
C ARG A 43 -14.21 0.96 27.08
N LYS A 44 -14.51 0.06 26.15
CA LYS A 44 -15.75 0.11 25.40
C LYS A 44 -16.41 -1.28 25.36
N GLY A 1 -1.76 -7.88 -24.62
CA GLY A 1 -1.43 -8.78 -23.49
C GLY A 1 -0.76 -7.99 -22.38
N LYS A 2 0.12 -8.65 -21.64
CA LYS A 2 0.84 -7.99 -20.55
C LYS A 2 1.69 -6.84 -21.09
N ARG A 3 2.39 -7.10 -22.19
CA ARG A 3 3.24 -6.08 -22.79
C ARG A 3 2.40 -5.04 -23.53
N SER A 4 2.85 -3.79 -23.50
CA SER A 4 2.13 -2.71 -24.17
C SER A 4 3.08 -1.90 -25.05
N TRP A 5 2.53 -1.31 -26.11
CA TRP A 5 3.33 -0.52 -27.03
C TRP A 5 3.97 0.67 -26.31
N ASP A 6 3.22 1.28 -25.40
CA ASP A 6 3.74 2.41 -24.64
C ASP A 6 4.32 1.97 -23.31
N THR A 7 5.65 2.02 -23.19
CA THR A 7 6.32 1.63 -21.96
C THR A 7 6.01 2.61 -20.85
N GLU A 8 5.55 3.81 -21.21
CA GLU A 8 5.21 4.81 -20.22
C GLU A 8 4.06 4.31 -19.35
N SER A 9 3.10 3.66 -19.98
CA SER A 9 1.96 3.09 -19.26
C SER A 9 2.43 2.00 -18.31
N VAL A 10 3.38 1.20 -18.77
CA VAL A 10 3.92 0.11 -17.97
C VAL A 10 4.64 0.64 -16.74
N LEU A 11 5.45 1.69 -16.91
CA LEU A 11 6.20 2.25 -15.80
C LEU A 11 5.26 2.78 -14.71
N ALA A 12 4.20 3.44 -15.15
CA ALA A 12 3.22 4.00 -14.22
C ALA A 12 2.54 2.92 -13.36
N MET A 13 2.31 1.75 -13.94
CA MET A 13 1.63 0.67 -13.22
C MET A 13 2.41 0.18 -11.99
N TRP A 14 3.73 0.02 -12.08
CA TRP A 14 4.44 -0.47 -10.90
C TRP A 14 4.41 0.57 -9.79
N VAL A 15 4.39 1.86 -10.12
CA VAL A 15 4.34 2.89 -9.09
C VAL A 15 3.07 2.72 -8.26
N LEU A 16 1.94 2.54 -8.93
CA LEU A 16 0.67 2.35 -8.22
C LEU A 16 0.76 1.10 -7.36
N ALA A 17 1.33 0.03 -7.90
CA ALA A 17 1.45 -1.22 -7.15
C ALA A 17 2.27 -1.02 -5.88
N LEU A 18 3.42 -0.34 -6.01
CA LEU A 18 4.28 -0.09 -4.85
C LEU A 18 3.57 0.80 -3.82
N ILE A 19 2.84 1.81 -4.25
CA ILE A 19 2.18 2.67 -3.27
C ILE A 19 1.17 1.87 -2.46
N VAL A 20 0.41 1.03 -3.15
CA VAL A 20 -0.60 0.20 -2.48
C VAL A 20 0.05 -0.79 -1.51
N ILE A 21 1.14 -1.44 -1.93
CA ILE A 21 1.80 -2.43 -1.09
C ILE A 21 2.37 -1.81 0.22
N PHE A 22 3.03 -0.65 0.10
CA PHE A 22 3.61 0.01 1.28
C PHE A 22 2.54 0.40 2.31
N LEU A 23 1.45 0.99 1.85
CA LEU A 23 0.37 1.38 2.76
C LEU A 23 -0.35 0.18 3.38
N THR A 24 -0.46 -0.88 2.58
CA THR A 24 -1.15 -2.08 3.07
C THR A 24 -0.36 -2.75 4.23
N ILE A 25 0.95 -2.89 4.08
CA ILE A 25 1.77 -3.51 5.13
C ILE A 25 1.89 -2.59 6.36
N ALA A 26 1.80 -1.29 6.11
CA ALA A 26 1.92 -0.31 7.20
C ALA A 26 0.79 -0.47 8.21
N VAL A 27 -0.41 -0.70 7.68
CA VAL A 27 -1.59 -0.84 8.52
C VAL A 27 -1.50 -2.04 9.44
N LEU A 28 -1.07 -3.19 8.92
CA LEU A 28 -0.96 -4.39 9.75
C LEU A 28 0.05 -4.20 10.87
N LEU A 29 1.19 -3.59 10.57
CA LEU A 29 2.19 -3.39 11.63
C LEU A 29 1.62 -2.47 12.70
N ALA A 30 0.97 -1.40 12.27
CA ALA A 30 0.35 -0.45 13.20
C ALA A 30 -0.83 -1.07 13.93
N LEU A 31 -1.63 -1.90 13.25
CA LEU A 31 -2.77 -2.52 13.91
C LEU A 31 -2.31 -3.36 15.10
N ARG A 32 -1.24 -4.13 14.87
CA ARG A 32 -0.68 -4.97 15.91
C ARG A 32 -0.13 -4.09 17.05
N PHE A 33 0.54 -3.01 16.66
CA PHE A 33 1.11 -2.08 17.62
C PHE A 33 0.02 -1.48 18.49
N CYS A 34 -1.06 -1.06 17.86
CA CYS A 34 -2.19 -0.47 18.57
C CYS A 34 -3.02 -1.57 19.23
N GLY A 35 -2.95 -2.78 18.68
CA GLY A 35 -3.70 -3.90 19.24
C GLY A 35 -3.19 -4.25 20.63
N ILE A 36 -1.87 -4.25 20.78
CA ILE A 36 -1.24 -4.55 22.06
C ILE A 36 -1.30 -3.32 22.96
N TYR A 37 -1.87 -2.25 22.43
CA TYR A 37 -2.01 -1.01 23.19
C TYR A 37 -3.40 -0.92 23.78
N GLY A 38 -4.28 -1.84 23.37
CA GLY A 38 -5.65 -1.84 23.86
C GLY A 38 -6.52 -0.87 23.06
N TYR A 39 -6.03 -0.45 21.90
CA TYR A 39 -6.77 0.47 21.07
C TYR A 39 -8.10 -0.14 20.64
N ARG A 40 -8.05 -1.39 20.17
CA ARG A 40 -9.26 -2.09 19.74
C ARG A 40 -10.10 -2.49 20.95
N LEU A 41 -11.40 -2.24 20.87
CA LEU A 41 -12.30 -2.59 21.96
C LEU A 41 -12.57 -4.09 21.96
N ARG A 42 -12.61 -4.68 23.16
CA ARG A 42 -12.87 -6.11 23.28
C ARG A 42 -11.77 -6.91 22.58
N ARG A 43 -10.55 -6.84 23.10
CA ARG A 43 -9.43 -7.55 22.51
C ARG A 43 -9.68 -9.05 22.54
N LYS A 44 -10.19 -9.54 23.67
CA LYS A 44 -10.46 -10.97 23.82
C LYS A 44 -11.29 -11.48 22.64
N GLY A 1 14.05 8.17 -28.22
CA GLY A 1 12.76 7.42 -28.37
C GLY A 1 13.05 5.93 -28.44
N LYS A 2 14.13 5.51 -27.79
CA LYS A 2 14.51 4.10 -27.77
C LYS A 2 13.43 3.26 -27.10
N ARG A 3 12.92 3.76 -25.97
CA ARG A 3 11.88 3.05 -25.24
C ARG A 3 10.53 3.20 -25.93
N SER A 4 9.74 2.13 -25.91
CA SER A 4 8.42 2.15 -26.54
C SER A 4 7.48 3.10 -25.80
N TRP A 5 6.60 3.75 -26.53
CA TRP A 5 5.65 4.68 -25.94
C TRP A 5 4.76 3.96 -24.93
N ASP A 6 4.40 2.72 -25.25
CA ASP A 6 3.54 1.93 -24.38
C ASP A 6 4.24 1.63 -23.06
N THR A 7 5.56 1.79 -23.05
CA THR A 7 6.35 1.53 -21.85
C THR A 7 5.94 2.49 -20.73
N GLU A 8 5.72 3.75 -21.08
CA GLU A 8 5.37 4.76 -20.08
C GLU A 8 4.18 4.31 -19.22
N SER A 9 3.15 3.79 -19.90
CA SER A 9 1.97 3.31 -19.19
C SER A 9 2.33 2.13 -18.29
N VAL A 10 3.17 1.25 -18.80
CA VAL A 10 3.60 0.08 -18.03
C VAL A 10 4.40 0.50 -16.80
N LEU A 11 5.30 1.45 -16.98
CA LEU A 11 6.14 1.92 -15.88
C LEU A 11 5.31 2.52 -14.76
N ALA A 12 4.31 3.30 -15.14
CA ALA A 12 3.45 3.96 -14.17
C ALA A 12 2.70 2.95 -13.28
N MET A 13 2.32 1.81 -13.85
CA MET A 13 1.56 0.81 -13.09
C MET A 13 2.32 0.24 -11.89
N TRP A 14 3.61 -0.06 -12.03
CA TRP A 14 4.32 -0.62 -10.87
C TRP A 14 4.43 0.40 -9.76
N VAL A 15 4.50 1.70 -10.08
CA VAL A 15 4.59 2.73 -9.05
C VAL A 15 3.34 2.69 -8.18
N LEU A 16 2.17 2.60 -8.80
CA LEU A 16 0.92 2.53 -8.04
C LEU A 16 0.88 1.27 -7.19
N ALA A 17 1.35 0.16 -7.74
CA ALA A 17 1.36 -1.11 -6.99
C ALA A 17 2.19 -0.99 -5.73
N LEU A 18 3.34 -0.34 -5.84
CA LEU A 18 4.22 -0.15 -4.67
C LEU A 18 3.52 0.70 -3.60
N ILE A 19 2.79 1.73 -4.02
CA ILE A 19 2.12 2.58 -3.03
C ILE A 19 1.14 1.74 -2.21
N VAL A 20 0.43 0.85 -2.90
CA VAL A 20 -0.54 -0.01 -2.22
C VAL A 20 0.16 -0.94 -1.24
N ILE A 21 1.28 -1.52 -1.64
CA ILE A 21 1.98 -2.46 -0.76
C ILE A 21 2.44 -1.76 0.53
N PHE A 22 2.99 -0.56 0.41
CA PHE A 22 3.44 0.16 1.61
C PHE A 22 2.27 0.48 2.53
N LEU A 23 1.18 0.95 1.94
CA LEU A 23 0.00 1.28 2.74
C LEU A 23 -0.59 0.02 3.39
N THR A 24 -0.62 -1.05 2.62
CA THR A 24 -1.16 -2.31 3.14
C THR A 24 -0.29 -2.81 4.30
N ILE A 25 1.02 -2.81 4.10
CA ILE A 25 1.96 -3.25 5.13
C ILE A 25 1.92 -2.29 6.33
N ALA A 26 1.83 -1.00 6.02
CA ALA A 26 1.85 0.02 7.08
C ALA A 26 0.70 -0.21 8.07
N VAL A 27 -0.48 -0.50 7.53
CA VAL A 27 -1.66 -0.72 8.34
C VAL A 27 -1.51 -1.93 9.25
N LEU A 28 -1.01 -3.04 8.71
CA LEU A 28 -0.85 -4.25 9.51
C LEU A 28 0.13 -4.02 10.65
N LEU A 29 1.26 -3.35 10.38
CA LEU A 29 2.23 -3.10 11.44
C LEU A 29 1.61 -2.22 12.52
N ALA A 30 0.89 -1.18 12.08
CA ALA A 30 0.22 -0.27 13.00
C ALA A 30 -0.93 -0.96 13.73
N LEU A 31 -1.67 -1.83 13.06
CA LEU A 31 -2.79 -2.51 13.71
C LEU A 31 -2.28 -3.32 14.90
N ARG A 32 -1.18 -4.03 14.68
CA ARG A 32 -0.57 -4.84 15.73
C ARG A 32 -0.09 -3.95 16.86
N PHE A 33 0.53 -2.83 16.49
CA PHE A 33 1.05 -1.87 17.46
C PHE A 33 -0.08 -1.34 18.33
N CYS A 34 -1.18 -0.97 17.69
CA CYS A 34 -2.35 -0.45 18.38
C CYS A 34 -3.13 -1.59 19.04
N GLY A 35 -3.02 -2.78 18.47
CA GLY A 35 -3.72 -3.95 19.00
C GLY A 35 -3.16 -4.37 20.36
N ILE A 36 -1.83 -4.35 20.48
CA ILE A 36 -1.19 -4.74 21.73
C ILE A 36 -1.19 -3.58 22.72
N TYR A 37 -1.74 -2.44 22.30
CA TYR A 37 -1.84 -1.27 23.19
C TYR A 37 -3.24 -1.17 23.75
N GLY A 38 -4.11 -2.09 23.35
CA GLY A 38 -5.49 -2.09 23.83
C GLY A 38 -6.34 -1.05 23.09
N TYR A 39 -5.90 -0.66 21.91
CA TYR A 39 -6.63 0.33 21.13
C TYR A 39 -8.04 -0.15 20.79
N ARG A 40 -8.13 -1.40 20.35
CA ARG A 40 -9.42 -1.98 19.95
C ARG A 40 -10.40 -2.08 21.12
N LEU A 41 -9.90 -2.43 22.30
CA LEU A 41 -10.76 -2.59 23.48
C LEU A 41 -11.85 -3.60 23.20
N ARG A 42 -13.10 -3.14 23.17
CA ARG A 42 -14.24 -4.02 22.91
C ARG A 42 -14.77 -3.82 21.50
N ARG A 43 -15.06 -4.92 20.82
CA ARG A 43 -15.59 -4.85 19.45
C ARG A 43 -16.86 -5.68 19.34
N LYS A 44 -17.88 -5.10 18.71
CA LYS A 44 -19.15 -5.78 18.54
C LYS A 44 -19.48 -5.92 17.05
N GLY A 1 10.33 -6.37 -29.91
CA GLY A 1 10.03 -5.49 -31.07
C GLY A 1 9.10 -4.36 -30.62
N LYS A 2 8.37 -3.80 -31.57
CA LYS A 2 7.44 -2.71 -31.26
C LYS A 2 6.28 -3.22 -30.41
N ARG A 3 5.95 -2.47 -29.36
CA ARG A 3 4.86 -2.86 -28.46
C ARG A 3 3.61 -2.06 -28.77
N SER A 4 2.46 -2.73 -28.75
CA SER A 4 1.20 -2.06 -29.04
C SER A 4 0.92 -0.98 -28.00
N TRP A 5 1.34 -1.24 -26.76
CA TRP A 5 1.13 -0.28 -25.68
C TRP A 5 2.45 0.38 -25.29
N ASP A 6 2.39 1.66 -24.96
CA ASP A 6 3.60 2.39 -24.57
C ASP A 6 4.14 1.87 -23.25
N THR A 7 5.47 1.79 -23.15
CA THR A 7 6.12 1.32 -21.93
C THR A 7 5.92 2.32 -20.81
N GLU A 8 5.57 3.55 -21.15
CA GLU A 8 5.35 4.57 -20.15
C GLU A 8 4.18 4.16 -19.25
N SER A 9 3.15 3.60 -19.89
CA SER A 9 1.98 3.13 -19.16
C SER A 9 2.37 1.99 -18.20
N VAL A 10 3.21 1.09 -18.69
CA VAL A 10 3.66 -0.05 -17.91
C VAL A 10 4.46 0.41 -16.69
N LEU A 11 5.36 1.37 -16.89
CA LEU A 11 6.19 1.86 -15.79
C LEU A 11 5.33 2.48 -14.69
N ALA A 12 4.33 3.24 -15.11
CA ALA A 12 3.44 3.90 -14.16
C ALA A 12 2.68 2.90 -13.28
N MET A 13 2.33 1.75 -13.85
CA MET A 13 1.56 0.74 -13.10
C MET A 13 2.32 0.17 -11.89
N TRP A 14 3.62 -0.10 -11.99
CA TRP A 14 4.31 -0.65 -10.82
C TRP A 14 4.39 0.40 -9.71
N VAL A 15 4.48 1.68 -10.06
CA VAL A 15 4.55 2.71 -9.02
C VAL A 15 3.28 2.66 -8.18
N LEU A 16 2.12 2.56 -8.83
CA LEU A 16 0.87 2.50 -8.09
C LEU A 16 0.85 1.24 -7.22
N ALA A 17 1.34 0.13 -7.75
CA ALA A 17 1.37 -1.13 -6.99
C ALA A 17 2.21 -0.97 -5.72
N LEU A 18 3.38 -0.35 -5.85
CA LEU A 18 4.25 -0.13 -4.70
C LEU A 18 3.60 0.79 -3.66
N ILE A 19 2.90 1.83 -4.10
CA ILE A 19 2.25 2.74 -3.17
C ILE A 19 1.20 2.00 -2.34
N VAL A 20 0.43 1.17 -3.01
CA VAL A 20 -0.60 0.39 -2.36
C VAL A 20 0.02 -0.57 -1.33
N ILE A 21 1.12 -1.23 -1.70
CA ILE A 21 1.77 -2.18 -0.80
C ILE A 21 2.28 -1.49 0.49
N PHE A 22 2.91 -0.33 0.35
CA PHE A 22 3.41 0.37 1.55
C PHE A 22 2.29 0.68 2.54
N LEU A 23 1.18 1.20 2.04
CA LEU A 23 0.01 1.52 2.86
C LEU A 23 -0.64 0.25 3.44
N THR A 24 -0.64 -0.82 2.62
CA THR A 24 -1.25 -2.06 3.10
C THR A 24 -0.45 -2.69 4.24
N ILE A 25 0.86 -2.80 4.02
CA ILE A 25 1.75 -3.37 5.03
C ILE A 25 1.89 -2.44 6.22
N ALA A 26 1.95 -1.13 5.96
CA ALA A 26 2.11 -0.16 7.03
C ALA A 26 0.97 -0.26 8.03
N VAL A 27 -0.23 -0.48 7.51
CA VAL A 27 -1.42 -0.60 8.33
C VAL A 27 -1.32 -1.81 9.27
N LEU A 28 -0.90 -2.94 8.73
CA LEU A 28 -0.80 -4.16 9.54
C LEU A 28 0.19 -3.98 10.69
N LEU A 29 1.36 -3.38 10.44
CA LEU A 29 2.31 -3.19 11.53
C LEU A 29 1.70 -2.26 12.59
N ALA A 30 1.05 -1.20 12.13
CA ALA A 30 0.41 -0.25 13.04
C ALA A 30 -0.79 -0.89 13.74
N LEU A 31 -1.55 -1.74 13.05
CA LEU A 31 -2.70 -2.37 13.68
C LEU A 31 -2.25 -3.22 14.86
N ARG A 32 -1.16 -3.95 14.66
CA ARG A 32 -0.60 -4.81 15.70
C ARG A 32 -0.18 -3.98 16.90
N PHE A 33 0.45 -2.83 16.62
CA PHE A 33 0.91 -1.94 17.67
C PHE A 33 -0.28 -1.49 18.51
N CYS A 34 -1.35 -1.08 17.83
CA CYS A 34 -2.56 -0.65 18.49
C CYS A 34 -3.27 -1.84 19.13
N GLY A 35 -3.06 -3.02 18.54
CA GLY A 35 -3.66 -4.23 19.06
C GLY A 35 -3.10 -4.61 20.43
N ILE A 36 -1.80 -4.44 20.60
CA ILE A 36 -1.12 -4.76 21.85
C ILE A 36 -1.14 -3.56 22.79
N TYR A 37 -1.70 -2.46 22.33
CA TYR A 37 -1.79 -1.26 23.15
C TYR A 37 -3.19 -1.13 23.74
N GLY A 38 -4.08 -2.03 23.32
CA GLY A 38 -5.45 -2.02 23.82
C GLY A 38 -6.37 -1.27 22.87
N TYR A 39 -5.80 -0.71 21.80
CA TYR A 39 -6.58 0.04 20.82
C TYR A 39 -7.31 1.20 21.49
N ARG A 40 -7.56 2.25 20.72
CA ARG A 40 -8.25 3.42 21.25
C ARG A 40 -9.74 3.14 21.43
N LEU A 41 -10.32 3.72 22.48
CA LEU A 41 -11.74 3.52 22.76
C LEU A 41 -12.52 4.80 22.49
N ARG A 42 -13.62 4.67 21.75
CA ARG A 42 -14.44 5.84 21.42
C ARG A 42 -15.06 6.43 22.69
N ARG A 43 -15.48 5.55 23.60
CA ARG A 43 -16.10 6.00 24.84
C ARG A 43 -15.10 5.90 25.99
N LYS A 44 -15.07 6.93 26.83
CA LYS A 44 -14.15 6.95 27.96
C LYS A 44 -14.86 6.51 29.23
N GLY A 1 13.36 5.56 -33.94
CA GLY A 1 12.84 4.23 -33.52
C GLY A 1 11.32 4.22 -33.64
N LYS A 2 10.64 4.60 -32.55
CA LYS A 2 9.18 4.64 -32.54
C LYS A 2 8.69 6.01 -32.10
N ARG A 3 7.58 6.44 -32.69
CA ARG A 3 7.01 7.74 -32.35
C ARG A 3 6.59 7.79 -30.88
N SER A 4 5.96 6.72 -30.41
CA SER A 4 5.51 6.66 -29.02
C SER A 4 5.76 5.28 -28.43
N TRP A 5 6.11 5.25 -27.14
CA TRP A 5 6.37 3.99 -26.45
C TRP A 5 5.27 3.70 -25.43
N ASP A 6 4.93 2.42 -25.27
CA ASP A 6 3.89 2.03 -24.33
C ASP A 6 4.51 1.70 -22.97
N THR A 7 5.83 1.81 -22.89
CA THR A 7 6.53 1.53 -21.64
C THR A 7 6.15 2.54 -20.57
N GLU A 8 5.63 3.69 -21.00
CA GLU A 8 5.22 4.72 -20.06
C GLU A 8 4.07 4.21 -19.21
N SER A 9 3.12 3.52 -19.87
CA SER A 9 1.99 2.94 -19.17
C SER A 9 2.46 1.87 -18.20
N VAL A 10 3.41 1.06 -18.66
CA VAL A 10 3.95 -0.02 -17.83
C VAL A 10 4.67 0.55 -16.61
N LEU A 11 5.45 1.58 -16.80
CA LEU A 11 6.20 2.19 -15.72
C LEU A 11 5.27 2.73 -14.64
N ALA A 12 4.21 3.40 -15.09
CA ALA A 12 3.25 3.99 -14.16
C ALA A 12 2.54 2.94 -13.30
N MET A 13 2.26 1.76 -13.88
CA MET A 13 1.54 0.71 -13.16
C MET A 13 2.31 0.17 -11.94
N TRP A 14 3.62 -0.06 -12.05
CA TRP A 14 4.32 -0.59 -10.87
C TRP A 14 4.36 0.45 -9.76
N VAL A 15 4.41 1.74 -10.09
CA VAL A 15 4.43 2.76 -9.06
C VAL A 15 3.16 2.67 -8.22
N LEU A 16 2.02 2.53 -8.87
CA LEU A 16 0.76 2.43 -8.15
C LEU A 16 0.77 1.17 -7.28
N ALA A 17 1.29 0.07 -7.83
CA ALA A 17 1.33 -1.19 -7.08
C ALA A 17 2.17 -1.04 -5.80
N LEU A 18 3.34 -0.40 -5.91
CA LEU A 18 4.20 -0.19 -4.74
C LEU A 18 3.52 0.71 -3.69
N ILE A 19 2.80 1.74 -4.13
CA ILE A 19 2.14 2.65 -3.18
C ILE A 19 1.13 1.86 -2.33
N VAL A 20 0.36 1.01 -2.98
CA VAL A 20 -0.64 0.20 -2.26
C VAL A 20 0.04 -0.75 -1.29
N ILE A 21 1.16 -1.34 -1.69
CA ILE A 21 1.85 -2.29 -0.83
C ILE A 21 2.33 -1.62 0.46
N PHE A 22 2.91 -0.42 0.35
CA PHE A 22 3.38 0.27 1.55
C PHE A 22 2.22 0.58 2.50
N LEU A 23 1.12 1.06 1.94
CA LEU A 23 -0.05 1.38 2.75
C LEU A 23 -0.66 0.13 3.40
N THR A 24 -0.71 -0.94 2.61
CA THR A 24 -1.28 -2.19 3.11
C THR A 24 -0.46 -2.77 4.26
N ILE A 25 0.85 -2.89 4.03
CA ILE A 25 1.75 -3.44 5.05
C ILE A 25 1.88 -2.49 6.23
N ALA A 26 1.94 -1.19 5.95
CA ALA A 26 2.09 -0.20 7.01
C ALA A 26 0.95 -0.31 8.01
N VAL A 27 -0.24 -0.54 7.47
CA VAL A 27 -1.44 -0.66 8.29
C VAL A 27 -1.36 -1.86 9.23
N LEU A 28 -0.92 -3.01 8.70
CA LEU A 28 -0.82 -4.21 9.52
C LEU A 28 0.16 -4.03 10.67
N LEU A 29 1.32 -3.42 10.42
CA LEU A 29 2.27 -3.21 11.52
C LEU A 29 1.67 -2.28 12.56
N ALA A 30 1.01 -1.23 12.10
CA ALA A 30 0.38 -0.27 13.01
C ALA A 30 -0.81 -0.90 13.72
N LEU A 31 -1.58 -1.74 13.04
CA LEU A 31 -2.74 -2.36 13.66
C LEU A 31 -2.29 -3.21 14.85
N ARG A 32 -1.21 -3.96 14.64
CA ARG A 32 -0.65 -4.82 15.66
C ARG A 32 -0.20 -3.98 16.87
N PHE A 33 0.44 -2.85 16.57
CA PHE A 33 0.92 -1.96 17.63
C PHE A 33 -0.24 -1.49 18.47
N CYS A 34 -1.32 -1.07 17.82
CA CYS A 34 -2.52 -0.62 18.50
C CYS A 34 -3.23 -1.79 19.14
N GLY A 35 -3.05 -2.98 18.56
CA GLY A 35 -3.67 -4.19 19.08
C GLY A 35 -3.10 -4.57 20.45
N ILE A 36 -1.79 -4.43 20.60
CA ILE A 36 -1.13 -4.77 21.86
C ILE A 36 -1.11 -3.57 22.80
N TYR A 37 -1.64 -2.44 22.35
CA TYR A 37 -1.69 -1.24 23.19
C TYR A 37 -3.10 -1.05 23.73
N GLY A 38 -4.01 -1.92 23.31
CA GLY A 38 -5.40 -1.83 23.77
C GLY A 38 -6.16 -0.78 22.97
N TYR A 39 -5.64 -0.42 21.80
CA TYR A 39 -6.28 0.57 20.96
C TYR A 39 -6.46 1.88 21.71
N ARG A 40 -6.59 2.99 20.97
CA ARG A 40 -6.75 4.29 21.58
C ARG A 40 -8.15 4.44 22.17
N LEU A 41 -8.24 5.13 23.31
CA LEU A 41 -9.51 5.35 23.97
C LEU A 41 -9.95 6.80 23.85
N ARG A 42 -11.21 7.00 23.47
CA ARG A 42 -11.74 8.35 23.32
C ARG A 42 -11.76 9.08 24.66
N ARG A 43 -12.10 8.35 25.72
CA ARG A 43 -12.16 8.94 27.04
C ARG A 43 -10.77 9.38 27.49
N LYS A 44 -9.76 8.58 27.16
CA LYS A 44 -8.38 8.90 27.53
C LYS A 44 -7.42 8.53 26.40
N GLY A 1 -2.92 3.97 -31.54
CA GLY A 1 -3.52 2.98 -32.48
C GLY A 1 -2.46 1.95 -32.86
N LYS A 2 -1.76 1.42 -31.85
CA LYS A 2 -0.72 0.42 -32.08
C LYS A 2 -0.95 -0.80 -31.22
N ARG A 3 -0.63 -1.97 -31.75
CA ARG A 3 -0.81 -3.21 -31.01
C ARG A 3 0.04 -3.21 -29.75
N SER A 4 1.29 -2.75 -29.89
CA SER A 4 2.20 -2.69 -28.75
C SER A 4 1.80 -1.57 -27.79
N TRP A 5 2.05 -1.78 -26.51
CA TRP A 5 1.71 -0.78 -25.50
C TRP A 5 2.93 0.07 -25.15
N ASP A 6 2.71 1.35 -24.90
CA ASP A 6 3.80 2.25 -24.56
C ASP A 6 4.41 1.87 -23.21
N THR A 7 5.73 1.97 -23.13
CA THR A 7 6.42 1.64 -21.89
C THR A 7 6.08 2.66 -20.80
N GLU A 8 5.59 3.82 -21.22
CA GLU A 8 5.21 4.85 -20.27
C GLU A 8 4.05 4.34 -19.41
N SER A 9 3.10 3.69 -20.07
CA SER A 9 1.95 3.12 -19.37
C SER A 9 2.41 2.03 -18.43
N VAL A 10 3.34 1.20 -18.90
CA VAL A 10 3.86 0.11 -18.09
C VAL A 10 4.58 0.64 -16.85
N LEU A 11 5.38 1.68 -17.03
CA LEU A 11 6.15 2.25 -15.94
C LEU A 11 5.18 2.76 -14.85
N ALA A 12 4.11 3.39 -15.28
CA ALA A 12 3.12 3.94 -14.35
C ALA A 12 2.47 2.86 -13.47
N MET A 13 2.24 1.67 -14.02
CA MET A 13 1.58 0.60 -13.25
C MET A 13 2.38 0.10 -12.04
N TRP A 14 3.70 -0.08 -12.14
CA TRP A 14 4.45 -0.60 -10.99
C TRP A 14 4.48 0.42 -9.85
N VAL A 15 4.60 1.71 -10.13
CA VAL A 15 4.63 2.68 -9.05
C VAL A 15 3.33 2.63 -8.25
N LEU A 16 2.20 2.51 -8.92
CA LEU A 16 0.92 2.43 -8.21
C LEU A 16 0.91 1.19 -7.34
N ALA A 17 1.41 0.08 -7.86
CA ALA A 17 1.45 -1.18 -7.10
C ALA A 17 2.26 -1.01 -5.81
N LEU A 18 3.41 -0.36 -5.92
CA LEU A 18 4.26 -0.14 -4.75
C LEU A 18 3.57 0.76 -3.71
N ILE A 19 2.83 1.78 -4.15
CA ILE A 19 2.18 2.67 -3.18
C ILE A 19 1.17 1.89 -2.35
N VAL A 20 0.41 1.05 -3.01
CA VAL A 20 -0.61 0.23 -2.34
C VAL A 20 0.03 -0.75 -1.35
N ILE A 21 1.12 -1.38 -1.73
CA ILE A 21 1.77 -2.36 -0.85
C ILE A 21 2.29 -1.71 0.45
N PHE A 22 2.92 -0.55 0.33
CA PHE A 22 3.45 0.14 1.52
C PHE A 22 2.35 0.50 2.52
N LEU A 23 1.27 1.07 2.03
CA LEU A 23 0.15 1.44 2.89
C LEU A 23 -0.54 0.21 3.50
N THR A 24 -0.67 -0.83 2.68
CA THR A 24 -1.32 -2.06 3.15
C THR A 24 -0.53 -2.72 4.27
N ILE A 25 0.76 -2.89 4.05
CA ILE A 25 1.62 -3.53 5.05
C ILE A 25 1.78 -2.63 6.27
N ALA A 26 1.90 -1.34 6.03
CA ALA A 26 2.09 -0.38 7.12
C ALA A 26 0.95 -0.48 8.13
N VAL A 27 -0.26 -0.66 7.61
CA VAL A 27 -1.45 -0.75 8.45
C VAL A 27 -1.38 -1.97 9.38
N LEU A 28 -1.00 -3.13 8.85
CA LEU A 28 -0.93 -4.33 9.68
C LEU A 28 0.09 -4.18 10.81
N LEU A 29 1.27 -3.61 10.53
CA LEU A 29 2.24 -3.43 11.59
C LEU A 29 1.69 -2.48 12.66
N ALA A 30 1.07 -1.40 12.21
CA ALA A 30 0.48 -0.43 13.14
C ALA A 30 -0.72 -1.03 13.86
N LEU A 31 -1.53 -1.85 13.19
CA LEU A 31 -2.69 -2.43 13.84
C LEU A 31 -2.25 -3.28 15.03
N ARG A 32 -1.19 -4.06 14.82
CA ARG A 32 -0.64 -4.92 15.87
C ARG A 32 -0.13 -4.05 17.01
N PHE A 33 0.55 -2.97 16.66
CA PHE A 33 1.11 -2.05 17.65
C PHE A 33 -0.01 -1.47 18.50
N CYS A 34 -1.08 -1.05 17.87
CA CYS A 34 -2.22 -0.48 18.56
C CYS A 34 -3.03 -1.60 19.22
N GLY A 35 -2.93 -2.80 18.67
CA GLY A 35 -3.65 -3.95 19.22
C GLY A 35 -3.14 -4.28 20.62
N ILE A 36 -1.82 -4.24 20.78
CA ILE A 36 -1.20 -4.52 22.07
C ILE A 36 -1.29 -3.29 22.97
N TYR A 37 -1.88 -2.23 22.43
CA TYR A 37 -2.06 -1.00 23.18
C TYR A 37 -3.47 -0.96 23.78
N GLY A 38 -4.29 -1.92 23.39
CA GLY A 38 -5.66 -1.99 23.89
C GLY A 38 -6.60 -1.16 23.01
N TYR A 39 -6.13 -0.78 21.83
CA TYR A 39 -6.94 0.01 20.92
C TYR A 39 -8.10 -0.82 20.37
N ARG A 40 -9.30 -0.26 20.39
CA ARG A 40 -10.46 -0.96 19.89
C ARG A 40 -10.49 -0.95 18.37
N LEU A 41 -10.98 -2.04 17.77
CA LEU A 41 -11.04 -2.15 16.32
C LEU A 41 -12.46 -1.89 15.83
N ARG A 42 -12.59 -1.01 14.84
CA ARG A 42 -13.89 -0.67 14.29
C ARG A 42 -14.30 -1.69 13.23
N ARG A 43 -15.59 -2.02 13.20
CA ARG A 43 -16.11 -2.98 12.23
C ARG A 43 -17.25 -2.36 11.44
N LYS A 44 -17.20 -2.52 10.11
CA LYS A 44 -18.24 -1.98 9.25
C LYS A 44 -19.21 -3.07 8.83
N GLY A 1 -1.82 2.30 -27.86
CA GLY A 1 -1.01 2.08 -29.10
C GLY A 1 -0.36 0.70 -29.05
N LYS A 2 -0.96 -0.26 -29.76
CA LYS A 2 -0.42 -1.61 -29.79
C LYS A 2 0.96 -1.63 -30.44
N ARG A 3 1.10 -0.89 -31.54
CA ARG A 3 2.38 -0.84 -32.25
C ARG A 3 3.44 -0.22 -31.35
N SER A 4 3.05 0.85 -30.65
CA SER A 4 3.96 1.56 -29.75
C SER A 4 4.27 0.70 -28.51
N TRP A 5 5.50 0.80 -28.03
CA TRP A 5 5.90 0.05 -26.85
C TRP A 5 5.01 0.40 -25.66
N ASP A 6 4.68 1.69 -25.55
CA ASP A 6 3.83 2.17 -24.47
C ASP A 6 4.41 1.81 -23.11
N THR A 7 5.73 1.86 -22.99
CA THR A 7 6.38 1.53 -21.73
C THR A 7 6.00 2.55 -20.65
N GLU A 8 5.49 3.70 -21.07
CA GLU A 8 5.11 4.73 -20.10
C GLU A 8 3.97 4.21 -19.21
N SER A 9 3.04 3.47 -19.81
CA SER A 9 1.94 2.88 -19.04
C SER A 9 2.48 1.84 -18.08
N VAL A 10 3.52 1.12 -18.51
CA VAL A 10 4.14 0.10 -17.66
C VAL A 10 4.76 0.75 -16.42
N LEU A 11 5.43 1.88 -16.62
CA LEU A 11 6.09 2.58 -15.52
C LEU A 11 5.04 3.01 -14.49
N ALA A 12 3.94 3.54 -15.01
CA ALA A 12 2.85 4.02 -14.17
C ALA A 12 2.20 2.90 -13.36
N MET A 13 2.01 1.74 -13.97
CA MET A 13 1.34 0.63 -13.27
C MET A 13 2.16 0.09 -12.09
N TRP A 14 3.47 -0.11 -12.25
CA TRP A 14 4.24 -0.68 -11.14
C TRP A 14 4.42 0.33 -10.00
N VAL A 15 4.60 1.62 -10.28
CA VAL A 15 4.74 2.57 -9.17
C VAL A 15 3.46 2.57 -8.34
N LEU A 16 2.29 2.51 -8.98
CA LEU A 16 1.03 2.47 -8.25
C LEU A 16 0.94 1.20 -7.39
N ALA A 17 1.37 0.06 -7.94
CA ALA A 17 1.32 -1.20 -7.19
C ALA A 17 2.19 -1.12 -5.95
N LEU A 18 3.36 -0.50 -6.10
CA LEU A 18 4.30 -0.32 -4.99
C LEU A 18 3.70 0.56 -3.90
N ILE A 19 3.01 1.63 -4.28
CA ILE A 19 2.42 2.51 -3.29
C ILE A 19 1.39 1.79 -2.44
N VAL A 20 0.55 1.01 -3.11
CA VAL A 20 -0.52 0.27 -2.42
C VAL A 20 0.02 -0.75 -1.42
N ILE A 21 1.03 -1.53 -1.79
CA ILE A 21 1.53 -2.56 -0.87
C ILE A 21 2.15 -1.94 0.41
N PHE A 22 2.93 -0.87 0.28
CA PHE A 22 3.54 -0.27 1.48
C PHE A 22 2.46 0.21 2.45
N LEU A 23 1.44 0.87 1.93
CA LEU A 23 0.35 1.38 2.75
C LEU A 23 -0.39 0.24 3.45
N THR A 24 -0.60 -0.83 2.70
CA THR A 24 -1.28 -1.98 3.27
C THR A 24 -0.43 -2.58 4.39
N ILE A 25 0.86 -2.70 4.13
CA ILE A 25 1.81 -3.24 5.11
C ILE A 25 1.91 -2.35 6.34
N ALA A 26 1.96 -1.04 6.11
CA ALA A 26 2.09 -0.10 7.21
C ALA A 26 0.95 -0.23 8.21
N VAL A 27 -0.26 -0.40 7.67
CA VAL A 27 -1.45 -0.50 8.49
C VAL A 27 -1.41 -1.74 9.39
N LEU A 28 -1.05 -2.89 8.84
CA LEU A 28 -0.99 -4.11 9.64
C LEU A 28 0.04 -3.98 10.75
N LEU A 29 1.21 -3.43 10.44
CA LEU A 29 2.22 -3.28 11.47
C LEU A 29 1.71 -2.34 12.55
N ALA A 30 1.09 -1.25 12.13
CA ALA A 30 0.53 -0.27 13.04
C ALA A 30 -0.68 -0.84 13.79
N LEU A 31 -1.52 -1.65 13.14
CA LEU A 31 -2.69 -2.19 13.82
C LEU A 31 -2.25 -3.06 14.99
N ARG A 32 -1.22 -3.86 14.76
CA ARG A 32 -0.64 -4.73 15.78
C ARG A 32 -0.16 -3.87 16.95
N PHE A 33 0.51 -2.77 16.61
CA PHE A 33 1.02 -1.87 17.62
C PHE A 33 -0.11 -1.33 18.49
N CYS A 34 -1.20 -0.90 17.84
CA CYS A 34 -2.36 -0.38 18.55
C CYS A 34 -3.17 -1.52 19.17
N GLY A 35 -3.09 -2.69 18.54
CA GLY A 35 -3.81 -3.88 18.99
C GLY A 35 -3.27 -4.37 20.34
N ILE A 36 -1.95 -4.30 20.51
CA ILE A 36 -1.32 -4.75 21.75
C ILE A 36 -1.28 -3.61 22.77
N TYR A 37 -1.79 -2.45 22.37
CA TYR A 37 -1.88 -1.32 23.30
C TYR A 37 -3.30 -1.26 23.85
N GLY A 38 -4.14 -2.19 23.39
CA GLY A 38 -5.53 -2.26 23.84
C GLY A 38 -6.47 -1.48 22.93
N TYR A 39 -5.94 -1.01 21.79
CA TYR A 39 -6.75 -0.25 20.83
C TYR A 39 -6.84 -1.00 19.51
N ARG A 40 -8.05 -1.06 18.93
CA ARG A 40 -8.27 -1.75 17.66
C ARG A 40 -8.99 -0.85 16.69
N LEU A 41 -8.64 -0.95 15.41
CA LEU A 41 -9.27 -0.13 14.38
C LEU A 41 -10.77 -0.45 14.27
N ARG A 42 -11.11 -1.74 14.31
CA ARG A 42 -12.51 -2.16 14.20
C ARG A 42 -12.88 -3.11 15.34
N ARG A 43 -14.11 -2.98 15.84
CA ARG A 43 -14.57 -3.84 16.93
C ARG A 43 -13.61 -3.73 18.12
N LYS A 44 -13.75 -2.63 18.86
CA LYS A 44 -12.89 -2.39 20.02
C LYS A 44 -13.35 -3.22 21.22
#